data_7B5Y
#
_entry.id   7B5Y
#
_cell.length_a   1.00
_cell.length_b   1.00
_cell.length_c   1.00
_cell.angle_alpha   90.00
_cell.angle_beta   90.00
_cell.angle_gamma   90.00
#
_symmetry.space_group_name_H-M   'P 1'
#
loop_
_entity.id
_entity.type
_entity.pdbx_description
1 polymer 'GntR family transcriptional regulator'
2 polymer 'BusR binding site in the busAB promotor. strand1'
3 polymer 'BusR binding site in the busAB promotor. strand2'
4 non-polymer "(2R,3R,3aS,5R,7aR,9R,10R,10aS,12R,14aR)-2,9-bis(6-amino-9H-purin-9-yl)octahydro-2H,7H-difuro[3,2-d:3',2'-j][1,3,7,9,2,8 ]tetraoxadiphosphacyclododecine-3,5,10,12-tetrol 5,12-dioxide"
#
loop_
_entity_poly.entity_id
_entity_poly.type
_entity_poly.pdbx_seq_one_letter_code
_entity_poly.pdbx_strand_id
1 'polypeptide(L)'
;GPMVSEQSEIVTSKYQKIAVAVAQRIANGDYEVGEKLKSRTTIASTFNVSPETARKGLNILADLQILTLKHGSGAIILSK
EKAIEFLNQYETSHSVAILKGKIRDNIKAQQQEMEELATLVDDFLLQTRAVSKQYPLAPYEIIVSEDSEHLGKSIGELNV
WHQTGATIVAIEHEGKFIVSPGPFSVIEQGDHIFFVGDEDVYARMKTYFNLRMGL
;
C,A,B,D
2 'polydeoxyribonucleotide'
;(DC)(DG)(DG)(DT)(DA)(DA)(DA)(DG)(DT)(DG)(DA)(DC)(DG)(DT)(DT)(DA)(DA)(DA)(DG)(DT)
(DA)(DT)(DC)(DG)(DT)(DA)(DA)(DA)(DA)(DG)(DG)(DG)(DT)(DA)(DG)(DT)(DC)(DA)(DC)(DT)
(DT)(DT)(DT)(DC)(DG)(DG)
;
E
3 'polydeoxyribonucleotide'
;(DC)(DC)(DG)(DA)(DA)(DA)(DA)(DG)(DT)(DG)(DA)(DC)(DT)(DA)(DC)(DC)(DC)(DT)(DT)(DT)
(DT)(DA)(DC)(DG)(DA)(DT)(DA)(DC)(DT)(DT)(DT)(DA)(DA)(DC)(DG)(DT)(DC)(DA)(DC)(DT)
(DT)(DT)(DA)(DC)(DC)(DG)
;
F
#
# COMPACT_ATOMS: atom_id res chain seq x y z
N ILE A 10 1.73 21.16 1.88
CA ILE A 10 2.42 22.32 2.53
C ILE A 10 1.44 22.98 3.51
N VAL A 11 0.61 22.19 4.18
CA VAL A 11 -0.39 22.73 5.15
C VAL A 11 -0.63 21.69 6.25
N THR A 12 -0.01 21.88 7.42
CA THR A 12 -0.18 20.94 8.56
C THR A 12 0.07 21.69 9.88
N SER A 13 -0.96 21.84 10.73
CA SER A 13 -0.79 22.65 11.95
C SER A 13 -1.99 22.55 12.89
N LYS A 14 -1.75 22.49 14.21
CA LYS A 14 -2.88 22.54 15.19
C LYS A 14 -3.00 24.02 15.61
N TYR A 15 -1.88 24.74 15.60
CA TYR A 15 -1.86 26.17 15.88
C TYR A 15 -2.80 26.93 14.95
N GLN A 16 -2.87 26.52 13.68
CA GLN A 16 -3.85 27.13 12.79
C GLN A 16 -5.27 26.88 13.25
N LYS A 17 -5.54 25.66 13.76
CA LYS A 17 -6.89 25.31 14.30
C LYS A 17 -7.19 26.20 15.50
N ILE A 18 -6.21 26.45 16.36
CA ILE A 18 -6.37 27.38 17.48
C ILE A 18 -6.66 28.79 16.96
N ALA A 19 -5.88 29.22 15.97
CA ALA A 19 -6.04 30.53 15.38
C ALA A 19 -7.46 30.75 14.86
N VAL A 20 -7.96 29.82 14.05
CA VAL A 20 -9.30 29.98 13.50
C VAL A 20 -10.36 29.90 14.60
N ALA A 21 -10.20 29.01 15.57
CA ALA A 21 -11.18 28.91 16.66
C ALA A 21 -11.30 30.23 17.40
N VAL A 22 -10.17 30.82 17.81
CA VAL A 22 -10.23 32.06 18.57
C VAL A 22 -10.72 33.21 17.70
N ALA A 23 -10.32 33.22 16.42
CA ALA A 23 -10.81 34.25 15.50
C ALA A 23 -12.32 34.14 15.33
N GLN A 24 -12.83 32.90 15.28
CA GLN A 24 -14.30 32.68 15.14
C GLN A 24 -15.02 33.18 16.40
N ARG A 25 -14.45 32.97 17.59
CA ARG A 25 -15.05 33.51 18.81
C ARG A 25 -15.09 35.03 18.76
N ILE A 26 -13.96 35.65 18.40
CA ILE A 26 -13.88 37.11 18.31
C ILE A 26 -14.89 37.64 17.29
N ALA A 27 -14.94 37.01 16.11
CA ALA A 27 -15.77 37.50 15.02
C ALA A 27 -17.25 37.33 15.30
N ASN A 28 -17.64 36.27 16.02
CA ASN A 28 -19.04 36.12 16.37
C ASN A 28 -19.41 37.06 17.52
N GLY A 29 -18.44 37.46 18.33
CA GLY A 29 -18.68 38.44 19.38
C GLY A 29 -18.63 37.88 20.78
N ASP A 30 -18.37 36.59 20.93
CA ASP A 30 -18.22 36.00 22.25
C ASP A 30 -17.07 36.67 23.01
N TYR A 31 -15.99 37.01 22.32
CA TYR A 31 -14.89 37.78 22.88
C TYR A 31 -15.00 39.20 22.36
N GLU A 32 -15.47 40.11 23.21
CA GLU A 32 -15.63 41.50 22.85
C GLU A 32 -14.24 42.11 22.63
N VAL A 33 -14.20 43.28 21.99
CA VAL A 33 -12.91 43.88 21.64
C VAL A 33 -12.08 44.21 22.87
N GLY A 34 -12.69 44.90 23.85
CA GLY A 34 -11.92 45.27 25.02
C GLY A 34 -11.36 44.10 25.80
N GLU A 35 -12.08 42.98 25.80
CA GLU A 35 -11.76 41.85 26.68
C GLU A 35 -10.39 41.23 26.42
N LYS A 36 -9.81 40.69 27.48
CA LYS A 36 -8.53 40.00 27.51
C LYS A 36 -8.76 38.48 27.46
N LEU A 37 -7.82 37.79 26.82
CA LEU A 37 -7.87 36.34 26.76
C LEU A 37 -7.17 35.75 27.98
N LYS A 38 -7.31 34.43 28.15
CA LYS A 38 -6.68 33.80 29.30
C LYS A 38 -5.19 33.67 29.04
N SER A 39 -4.46 33.12 30.01
CA SER A 39 -3.03 32.98 29.87
C SER A 39 -2.66 32.00 28.76
N ARG A 40 -1.46 32.18 28.20
CA ARG A 40 -0.98 31.28 27.15
C ARG A 40 -0.97 29.84 27.62
N THR A 41 -0.77 29.63 28.93
CA THR A 41 -0.77 28.27 29.47
C THR A 41 -2.18 27.73 29.62
N THR A 42 -3.14 28.60 29.92
CA THR A 42 -4.53 28.16 30.07
C THR A 42 -5.11 27.77 28.71
N ILE A 43 -4.79 28.54 27.67
CA ILE A 43 -5.27 28.20 26.32
C ILE A 43 -4.64 26.90 25.84
N ALA A 44 -3.35 26.72 26.09
CA ALA A 44 -2.69 25.44 25.71
C ALA A 44 -3.43 24.26 26.33
N SER A 45 -3.79 24.38 27.61
CA SER A 45 -4.46 23.26 28.29
C SER A 45 -5.90 23.09 27.78
N THR A 46 -6.58 24.19 27.51
CA THR A 46 -7.97 24.08 26.99
C THR A 46 -7.97 23.40 25.61
N PHE A 47 -7.00 23.74 24.77
CA PHE A 47 -6.92 23.10 23.43
C PHE A 47 -6.09 21.83 23.48
N ASN A 48 -5.72 21.38 24.70
CA ASN A 48 -4.95 20.12 24.86
C ASN A 48 -3.72 20.08 23.96
N VAL A 49 -2.85 21.08 24.07
CA VAL A 49 -1.59 21.12 23.25
C VAL A 49 -0.48 21.80 24.05
N SER A 50 0.71 21.91 23.48
CA SER A 50 1.83 22.59 24.11
C SER A 50 1.62 24.09 24.24
N PRO A 51 2.19 24.73 25.27
CA PRO A 51 2.11 26.19 25.35
C PRO A 51 2.74 26.83 24.14
N GLU A 52 3.75 26.16 23.56
CA GLU A 52 4.49 26.67 22.42
C GLU A 52 3.62 26.70 21.16
N THR A 53 2.80 25.66 20.92
CA THR A 53 1.88 25.71 19.78
C THR A 53 0.83 26.79 19.99
N ALA A 54 0.32 26.92 21.21
CA ALA A 54 -0.58 28.02 21.51
C ALA A 54 0.13 29.36 21.30
N ARG A 55 1.43 29.40 21.57
CA ARG A 55 2.19 30.61 21.31
C ARG A 55 2.19 30.92 19.81
N LYS A 56 2.30 29.88 18.96
CA LYS A 56 2.20 30.10 17.52
C LYS A 56 0.83 30.61 17.09
N GLY A 57 -0.25 30.02 17.63
CA GLY A 57 -1.58 30.50 17.29
C GLY A 57 -1.79 31.96 17.64
N LEU A 58 -1.37 32.35 18.85
CA LEU A 58 -1.54 33.73 19.26
C LEU A 58 -0.63 34.65 18.46
N ASN A 59 0.54 34.14 18.07
CA ASN A 59 1.41 34.89 17.17
C ASN A 59 0.80 35.04 15.79
N ILE A 60 0.02 34.07 15.34
CA ILE A 60 -0.68 34.21 14.06
C ILE A 60 -1.61 35.41 14.12
N LEU A 61 -2.48 35.44 15.14
CA LEU A 61 -3.40 36.57 15.21
C LEU A 61 -2.70 37.87 15.55
N ALA A 62 -1.55 37.81 16.22
CA ALA A 62 -0.76 39.01 16.45
C ALA A 62 -0.23 39.59 15.14
N ASP A 63 0.35 38.73 14.30
CA ASP A 63 0.84 39.17 13.00
C ASP A 63 -0.29 39.70 12.13
N LEU A 64 -1.50 39.18 12.31
CA LEU A 64 -2.65 39.72 11.61
C LEU A 64 -3.32 40.87 12.37
N GLN A 65 -2.70 41.34 13.46
CA GLN A 65 -3.18 42.51 14.21
C GLN A 65 -4.57 42.28 14.78
N ILE A 66 -4.90 41.03 15.08
CA ILE A 66 -6.13 40.71 15.79
C ILE A 66 -5.91 40.76 17.30
N LEU A 67 -4.68 40.56 17.75
CA LEU A 67 -4.34 40.59 19.16
C LEU A 67 -2.98 41.21 19.33
N THR A 68 -2.74 41.74 20.52
CA THR A 68 -1.43 42.23 20.91
C THR A 68 -1.11 41.60 22.25
N LEU A 69 0.16 41.24 22.45
CA LEU A 69 0.57 40.54 23.65
C LEU A 69 1.59 41.34 24.45
N LYS A 70 1.66 42.66 24.28
CA LYS A 70 2.65 43.42 25.03
C LYS A 70 2.34 43.43 26.53
N HIS A 71 1.29 42.75 26.94
CA HIS A 71 0.87 42.67 28.33
C HIS A 71 1.01 41.23 28.80
N GLY A 72 1.61 41.05 29.98
CA GLY A 72 1.78 39.72 30.52
C GLY A 72 0.50 39.09 31.03
N SER A 73 -0.46 39.92 31.47
CA SER A 73 -1.73 39.40 31.96
C SER A 73 -2.44 38.56 30.89
N GLY A 74 -2.29 38.94 29.62
CA GLY A 74 -2.88 38.16 28.55
C GLY A 74 -2.89 38.93 27.24
N ALA A 75 -3.72 38.46 26.33
CA ALA A 75 -3.85 39.02 24.98
C ALA A 75 -5.13 39.83 24.89
N ILE A 76 -5.02 41.05 24.38
CA ILE A 76 -6.15 41.96 24.26
C ILE A 76 -6.69 41.89 22.84
N ILE A 77 -8.01 41.86 22.70
CA ILE A 77 -8.62 41.76 21.38
C ILE A 77 -8.47 43.11 20.68
N LEU A 78 -8.23 43.08 19.38
CA LEU A 78 -7.97 44.30 18.62
C LEU A 78 -9.08 44.65 17.63
N SER A 79 -9.38 43.77 16.68
CA SER A 79 -10.34 44.08 15.63
C SER A 79 -11.24 42.89 15.38
N LYS A 80 -12.56 43.11 15.50
CA LYS A 80 -13.52 42.07 15.13
C LYS A 80 -13.57 41.86 13.62
N GLU A 81 -13.51 42.94 12.84
CA GLU A 81 -13.55 42.80 11.38
C GLU A 81 -12.31 42.10 10.86
N LYS A 82 -11.15 42.37 11.45
CA LYS A 82 -9.94 41.72 10.97
C LYS A 82 -9.92 40.23 11.33
N ALA A 83 -10.61 39.84 12.41
CA ALA A 83 -10.82 38.41 12.63
C ALA A 83 -11.63 37.82 11.49
N ILE A 84 -12.66 38.55 11.04
CA ILE A 84 -13.45 38.11 9.90
C ILE A 84 -12.61 38.10 8.63
N GLU A 85 -11.79 39.15 8.43
CA GLU A 85 -10.88 39.19 7.30
C GLU A 85 -9.95 37.97 7.30
N PHE A 86 -9.52 37.48 8.46
CA PHE A 86 -8.60 36.32 8.61
C PHE A 86 -9.33 35.01 8.31
N LEU A 87 -10.61 34.92 8.70
CA LEU A 87 -11.42 33.71 8.40
C LEU A 87 -11.54 33.53 6.88
N ASN A 88 -11.75 34.63 6.13
CA ASN A 88 -11.85 34.53 4.65
C ASN A 88 -10.53 33.98 4.09
N GLN A 89 -9.41 34.53 4.59
CA GLN A 89 -8.11 34.13 4.00
C GLN A 89 -7.79 32.68 4.37
N TYR A 90 -8.22 32.27 5.57
CA TYR A 90 -7.90 30.90 6.03
C TYR A 90 -8.71 29.94 5.16
N GLU A 91 -9.98 30.29 4.93
CA GLU A 91 -10.79 29.43 4.04
C GLU A 91 -9.93 29.24 2.79
N THR A 92 -9.64 30.37 2.12
CA THR A 92 -8.89 30.16 0.85
C THR A 92 -7.73 29.18 1.07
N SER A 93 -6.74 29.57 1.89
CA SER A 93 -5.50 28.75 2.03
C SER A 93 -5.77 27.28 2.33
N HIS A 94 -6.54 26.99 3.38
CA HIS A 94 -6.77 25.59 3.85
C HIS A 94 -7.51 24.74 2.81
N SER A 95 -8.70 25.18 2.35
CA SER A 95 -9.50 24.43 1.34
C SER A 95 -10.24 23.22 1.95
N VAL A 96 -11.52 23.01 1.59
CA VAL A 96 -12.32 21.93 2.24
C VAL A 96 -12.50 20.61 1.46
N ALA A 97 -13.35 20.56 0.41
CA ALA A 97 -13.49 19.34 -0.41
C ALA A 97 -12.19 19.19 -1.19
N ILE A 98 -11.51 20.31 -1.48
CA ILE A 98 -10.18 20.18 -2.13
C ILE A 98 -9.45 19.06 -1.38
N LEU A 99 -9.44 19.12 -0.04
CA LEU A 99 -8.84 18.05 0.80
C LEU A 99 -9.44 16.70 0.42
N LYS A 100 -10.77 16.55 0.49
CA LYS A 100 -11.37 15.25 0.05
C LYS A 100 -10.87 14.77 -1.32
N GLY A 101 -10.94 15.59 -2.38
CA GLY A 101 -10.48 15.35 -3.76
C GLY A 101 -9.07 14.79 -3.77
N LYS A 102 -8.18 15.35 -2.95
CA LYS A 102 -6.77 14.85 -2.89
C LYS A 102 -6.77 13.38 -2.47
N ILE A 103 -7.55 13.03 -1.43
CA ILE A 103 -7.62 11.65 -0.97
C ILE A 103 -8.12 10.74 -2.08
N ARG A 104 -9.12 11.19 -2.83
CA ARG A 104 -9.62 10.37 -3.95
C ARG A 104 -8.53 10.16 -5.00
N ASP A 105 -7.78 11.22 -5.33
CA ASP A 105 -6.68 11.10 -6.28
C ASP A 105 -5.60 10.15 -5.78
N ASN A 106 -5.26 10.24 -4.49
CA ASN A 106 -4.26 9.35 -3.90
C ASN A 106 -4.70 7.89 -4.02
N ILE A 107 -5.97 7.62 -3.70
CA ILE A 107 -6.50 6.25 -3.78
C ILE A 107 -6.43 5.74 -5.22
N LYS A 108 -6.74 6.60 -6.18
CA LYS A 108 -6.75 6.22 -7.60
C LYS A 108 -5.34 5.92 -8.10
N ALA A 109 -4.39 6.77 -7.74
CA ALA A 109 -2.99 6.54 -8.07
C ALA A 109 -2.49 5.22 -7.49
N GLN A 110 -2.91 4.93 -6.25
CA GLN A 110 -2.45 3.69 -5.57
C GLN A 110 -3.01 2.47 -6.32
N GLN A 111 -4.27 2.54 -6.75
CA GLN A 111 -4.82 1.44 -7.53
C GLN A 111 -4.04 1.22 -8.83
N GLN A 112 -3.71 2.30 -9.54
CA GLN A 112 -2.90 2.11 -10.74
C GLN A 112 -1.52 1.51 -10.42
N GLU A 113 -0.91 1.96 -9.32
CA GLU A 113 0.42 1.44 -8.92
C GLU A 113 0.32 -0.07 -8.63
N MET A 114 -0.85 -0.50 -8.14
CA MET A 114 -0.97 -1.94 -7.77
C MET A 114 -1.24 -2.73 -9.05
N GLU A 115 -1.93 -2.12 -10.02
CA GLU A 115 -2.09 -2.78 -11.32
C GLU A 115 -0.73 -3.00 -11.99
N GLU A 116 0.11 -1.97 -11.99
CA GLU A 116 1.47 -2.11 -12.50
C GLU A 116 2.20 -3.22 -11.75
N LEU A 117 2.03 -3.25 -10.43
CA LEU A 117 2.71 -4.29 -9.62
C LEU A 117 2.20 -5.68 -10.04
N ALA A 118 0.89 -5.84 -10.24
CA ALA A 118 0.34 -7.13 -10.61
C ALA A 118 0.93 -7.62 -11.92
N THR A 119 1.04 -6.74 -12.91
CA THR A 119 1.59 -7.17 -14.19
C THR A 119 3.09 -7.47 -14.08
N LEU A 120 3.80 -6.64 -13.30
CA LEU A 120 5.25 -6.90 -13.08
C LEU A 120 5.40 -8.32 -12.57
N VAL A 121 4.66 -8.63 -11.52
CA VAL A 121 4.82 -9.97 -10.90
C VAL A 121 4.42 -11.03 -11.93
N ASP A 122 3.49 -10.72 -12.83
CA ASP A 122 3.06 -11.81 -13.75
C ASP A 122 4.27 -12.28 -14.55
N ASP A 123 5.02 -11.35 -15.14
CA ASP A 123 6.20 -11.70 -15.97
C ASP A 123 7.27 -12.31 -15.07
N PHE A 124 7.39 -11.74 -13.88
CA PHE A 124 8.48 -12.24 -13.02
C PHE A 124 8.24 -13.74 -12.84
N LEU A 125 6.99 -14.12 -12.52
CA LEU A 125 6.63 -15.53 -12.23
C LEU A 125 6.65 -16.38 -13.50
N LEU A 126 6.17 -15.82 -14.61
CA LEU A 126 6.18 -16.54 -15.90
C LEU A 126 7.62 -17.02 -16.03
N GLN A 127 8.60 -16.10 -15.97
CA GLN A 127 10.03 -16.47 -16.17
C GLN A 127 10.02 -17.14 -17.55
N THR A 128 10.01 -18.47 -17.56
CA THR A 128 9.90 -19.24 -18.81
C THR A 128 9.47 -20.64 -18.42
N ARG A 129 9.78 -21.06 -17.18
CA ARG A 129 9.51 -22.46 -16.79
C ARG A 129 9.05 -22.48 -15.33
N ALA A 130 9.12 -23.65 -14.68
CA ALA A 130 8.77 -23.74 -13.24
C ALA A 130 10.05 -23.59 -12.40
N VAL A 131 10.39 -24.61 -11.60
CA VAL A 131 11.55 -24.42 -10.67
C VAL A 131 12.33 -25.72 -10.41
N SER A 132 12.75 -25.92 -9.15
CA SER A 132 13.62 -27.05 -8.77
C SER A 132 13.61 -27.19 -7.25
N LYS A 133 13.85 -28.39 -6.72
CA LYS A 133 13.95 -28.54 -5.24
C LYS A 133 15.27 -29.22 -4.86
N GLN A 134 16.16 -29.46 -5.84
CA GLN A 134 17.51 -30.01 -5.57
C GLN A 134 17.35 -31.33 -4.81
N TYR A 135 16.35 -32.13 -5.16
CA TYR A 135 16.07 -33.37 -4.40
C TYR A 135 17.10 -34.44 -4.76
N PRO A 136 17.22 -35.52 -3.96
CA PRO A 136 18.12 -36.63 -4.28
C PRO A 136 17.40 -37.42 -5.39
N LEU A 137 16.56 -36.73 -6.17
CA LEU A 137 15.89 -37.38 -7.32
C LEU A 137 17.00 -37.78 -8.28
N ALA A 138 18.15 -37.10 -8.22
CA ALA A 138 19.34 -37.44 -9.04
C ALA A 138 19.11 -38.70 -9.86
N PRO A 139 18.80 -38.56 -11.17
CA PRO A 139 18.51 -39.71 -12.03
C PRO A 139 19.73 -40.61 -12.32
N TYR A 140 19.56 -41.93 -12.19
CA TYR A 140 20.64 -42.84 -12.53
C TYR A 140 20.89 -42.81 -14.04
N GLU A 141 22.08 -43.23 -14.43
CA GLU A 141 22.47 -43.34 -15.83
C GLU A 141 23.09 -44.71 -16.08
N ILE A 142 22.61 -45.41 -17.10
CA ILE A 142 23.28 -46.62 -17.57
C ILE A 142 23.56 -46.48 -19.07
N ILE A 143 24.60 -47.17 -19.53
CA ILE A 143 24.94 -47.23 -20.95
C ILE A 143 24.67 -48.65 -21.43
N VAL A 144 23.74 -48.79 -22.38
CA VAL A 144 23.31 -50.12 -22.78
C VAL A 144 24.21 -50.65 -23.91
N SER A 145 25.44 -50.98 -23.54
CA SER A 145 26.47 -51.33 -24.49
C SER A 145 26.61 -52.84 -24.69
N GLU A 146 25.92 -53.65 -23.91
CA GLU A 146 25.98 -55.10 -24.08
C GLU A 146 24.83 -55.58 -24.96
N ASP A 147 25.01 -56.75 -25.58
CA ASP A 147 23.94 -57.33 -26.37
C ASP A 147 22.76 -57.67 -25.47
N SER A 148 21.56 -57.46 -25.98
CA SER A 148 20.35 -57.69 -25.19
C SER A 148 19.16 -57.75 -26.12
N GLU A 149 18.26 -58.69 -25.86
CA GLU A 149 17.01 -58.74 -26.61
C GLU A 149 16.14 -57.52 -26.41
N HIS A 150 16.46 -56.67 -25.44
CA HIS A 150 15.69 -55.46 -25.18
C HIS A 150 16.15 -54.26 -26.01
N LEU A 151 17.21 -54.40 -26.80
CA LEU A 151 17.66 -53.32 -27.68
C LEU A 151 16.93 -53.38 -29.02
N GLY A 152 16.85 -52.23 -29.67
CA GLY A 152 16.06 -52.13 -30.88
C GLY A 152 14.58 -52.24 -30.62
N LYS A 153 14.13 -51.90 -29.42
CA LYS A 153 12.72 -51.90 -29.05
C LYS A 153 12.36 -50.54 -28.48
N SER A 154 11.09 -50.19 -28.60
CA SER A 154 10.62 -48.94 -28.01
C SER A 154 10.33 -49.12 -26.53
N ILE A 155 10.31 -47.99 -25.82
CA ILE A 155 10.03 -48.00 -24.39
C ILE A 155 8.67 -48.63 -24.10
N GLY A 156 7.68 -48.34 -24.95
CA GLY A 156 6.36 -48.91 -24.76
C GLY A 156 6.31 -50.39 -25.09
N GLU A 157 7.02 -50.80 -26.13
CA GLU A 157 7.11 -52.22 -26.48
C GLU A 157 7.73 -53.02 -25.33
N LEU A 158 8.77 -52.46 -24.71
CA LEU A 158 9.40 -53.09 -23.55
C LEU A 158 8.50 -53.02 -22.32
N ASN A 159 7.64 -52.00 -22.23
CA ASN A 159 6.82 -51.78 -21.05
C ASN A 159 7.68 -51.55 -19.81
N VAL A 160 8.66 -50.64 -19.95
CA VAL A 160 9.79 -50.55 -19.03
C VAL A 160 9.37 -50.47 -17.57
N TRP A 161 8.46 -49.54 -17.23
CA TRP A 161 8.13 -49.37 -15.81
C TRP A 161 7.66 -50.68 -15.18
N HIS A 162 6.84 -51.45 -15.91
CA HIS A 162 6.34 -52.72 -15.40
C HIS A 162 7.41 -53.80 -15.32
N GLN A 163 8.49 -53.67 -16.10
CA GLN A 163 9.56 -54.66 -16.09
C GLN A 163 10.58 -54.41 -15.00
N THR A 164 10.89 -53.14 -14.73
CA THR A 164 12.02 -52.79 -13.87
C THR A 164 11.68 -51.79 -12.78
N GLY A 165 10.49 -51.19 -12.78
CA GLY A 165 10.18 -50.15 -11.82
C GLY A 165 10.76 -48.79 -12.14
N ALA A 166 11.47 -48.65 -13.25
CA ALA A 166 12.12 -47.40 -13.59
C ALA A 166 11.23 -46.48 -14.40
N THR A 167 11.35 -45.17 -14.16
CA THR A 167 10.76 -44.15 -15.01
C THR A 167 11.90 -43.46 -15.76
N ILE A 168 11.94 -43.67 -17.07
CA ILE A 168 12.98 -43.08 -17.91
C ILE A 168 12.68 -41.61 -18.12
N VAL A 169 13.66 -40.75 -17.80
CA VAL A 169 13.52 -39.32 -17.99
C VAL A 169 14.18 -38.82 -19.26
N ALA A 170 15.18 -39.53 -19.79
CA ALA A 170 15.85 -39.09 -20.99
C ALA A 170 16.61 -40.27 -21.61
N ILE A 171 16.76 -40.20 -22.94
CA ILE A 171 17.66 -41.09 -23.68
C ILE A 171 18.71 -40.22 -24.35
N GLU A 172 19.97 -40.64 -24.26
CA GLU A 172 21.05 -40.04 -25.02
C GLU A 172 21.43 -41.00 -26.13
N HIS A 173 21.38 -40.51 -27.37
CA HIS A 173 21.65 -41.32 -28.55
C HIS A 173 22.54 -40.50 -29.46
N GLU A 174 23.72 -41.04 -29.76
CA GLU A 174 24.70 -40.34 -30.60
C GLU A 174 25.00 -38.94 -30.04
N GLY A 175 25.06 -38.83 -28.72
CA GLY A 175 25.39 -37.57 -28.08
C GLY A 175 24.28 -36.55 -28.05
N LYS A 176 23.06 -36.93 -28.45
CA LYS A 176 21.90 -36.04 -28.46
C LYS A 176 20.87 -36.55 -27.45
N PHE A 177 20.09 -35.65 -26.87
CA PHE A 177 19.18 -35.99 -25.79
C PHE A 177 17.74 -35.81 -26.21
N ILE A 178 16.91 -36.75 -25.77
CA ILE A 178 15.46 -36.61 -25.81
C ILE A 178 14.96 -36.72 -24.38
N VAL A 179 14.32 -35.66 -23.90
CA VAL A 179 13.78 -35.60 -22.54
C VAL A 179 12.29 -35.91 -22.60
N SER A 180 11.79 -36.67 -21.60
CA SER A 180 10.39 -37.10 -21.55
C SER A 180 10.06 -37.91 -22.79
N PRO A 181 10.69 -39.08 -22.95
CA PRO A 181 10.77 -39.70 -24.28
C PRO A 181 9.49 -40.33 -24.78
N GLY A 182 8.59 -40.77 -23.91
CA GLY A 182 7.39 -41.42 -24.35
C GLY A 182 7.60 -42.86 -24.80
N PRO A 183 6.50 -43.52 -25.17
CA PRO A 183 6.53 -44.97 -25.45
C PRO A 183 7.13 -45.33 -26.81
N PHE A 184 7.27 -44.35 -27.70
CA PHE A 184 7.70 -44.64 -29.07
C PHE A 184 9.20 -44.44 -29.26
N SER A 185 9.89 -43.90 -28.26
CA SER A 185 11.33 -43.75 -28.34
CA SER A 185 11.34 -43.74 -28.34
C SER A 185 11.99 -45.13 -28.29
N VAL A 186 12.99 -45.33 -29.15
CA VAL A 186 13.65 -46.61 -29.28
C VAL A 186 14.96 -46.59 -28.49
N ILE A 187 15.25 -47.68 -27.79
CA ILE A 187 16.53 -47.84 -27.10
C ILE A 187 17.46 -48.66 -27.99
N GLU A 188 18.57 -48.06 -28.41
CA GLU A 188 19.53 -48.72 -29.29
C GLU A 188 20.83 -48.98 -28.55
N GLN A 189 21.60 -49.93 -29.06
CA GLN A 189 22.84 -50.28 -28.38
C GLN A 189 23.78 -49.08 -28.32
N GLY A 190 24.37 -48.88 -27.15
CA GLY A 190 25.25 -47.75 -26.91
C GLY A 190 24.55 -46.52 -26.35
N ASP A 191 23.22 -46.49 -26.37
CA ASP A 191 22.51 -45.35 -25.84
C ASP A 191 22.68 -45.27 -24.33
N HIS A 192 22.47 -44.07 -23.79
CA HIS A 192 22.43 -43.86 -22.35
C HIS A 192 20.98 -43.70 -21.92
N ILE A 193 20.59 -44.39 -20.85
CA ILE A 193 19.26 -44.28 -20.29
C ILE A 193 19.37 -43.59 -18.94
N PHE A 194 18.66 -42.47 -18.79
CA PHE A 194 18.57 -41.74 -17.53
C PHE A 194 17.21 -42.03 -16.93
N PHE A 195 17.18 -42.43 -15.66
CA PHE A 195 15.92 -42.88 -15.07
C PHE A 195 15.90 -42.64 -13.57
N VAL A 196 14.69 -42.54 -13.02
CA VAL A 196 14.51 -42.38 -11.58
C VAL A 196 13.97 -43.68 -10.98
N GLY A 197 14.20 -43.83 -9.69
CA GLY A 197 13.91 -45.03 -8.95
C GLY A 197 14.82 -45.07 -7.73
N ASP A 198 14.82 -46.21 -7.04
CA ASP A 198 15.72 -46.41 -5.91
C ASP A 198 16.83 -47.38 -6.32
N GLU A 199 17.65 -47.76 -5.34
CA GLU A 199 18.78 -48.66 -5.63
C GLU A 199 18.30 -49.97 -6.22
N ASP A 200 17.16 -50.47 -5.77
CA ASP A 200 16.66 -51.73 -6.31
C ASP A 200 16.25 -51.59 -7.77
N VAL A 201 15.63 -50.45 -8.12
CA VAL A 201 15.30 -50.19 -9.52
C VAL A 201 16.55 -50.12 -10.37
N TYR A 202 17.61 -49.47 -9.86
CA TYR A 202 18.88 -49.44 -10.58
C TYR A 202 19.39 -50.86 -10.84
N ALA A 203 19.31 -51.72 -9.83
CA ALA A 203 19.76 -53.10 -9.99
C ALA A 203 18.94 -53.85 -11.03
N ARG A 204 17.62 -53.64 -11.03
CA ARG A 204 16.76 -54.25 -12.03
C ARG A 204 17.11 -53.77 -13.43
N MET A 205 17.34 -52.48 -13.61
CA MET A 205 17.69 -51.95 -14.93
C MET A 205 19.01 -52.54 -15.42
N LYS A 206 19.99 -52.66 -14.53
CA LYS A 206 21.27 -53.22 -14.95
C LYS A 206 21.11 -54.66 -15.41
N THR A 207 20.40 -55.48 -14.63
CA THR A 207 20.23 -56.87 -15.04
C THR A 207 19.39 -56.97 -16.32
N TYR A 208 18.34 -56.15 -16.41
CA TYR A 208 17.45 -56.19 -17.56
C TYR A 208 18.17 -55.93 -18.87
N PHE A 209 19.20 -55.07 -18.86
CA PHE A 209 19.95 -54.76 -20.06
C PHE A 209 21.28 -55.50 -20.13
N ASN A 210 21.43 -56.57 -19.35
CA ASN A 210 22.60 -57.45 -19.46
C ASN A 210 23.90 -56.74 -19.09
N LEU A 211 23.83 -55.84 -18.10
CA LEU A 211 25.00 -55.08 -17.68
C LEU A 211 25.70 -55.70 -16.46
N ARG A 212 25.45 -56.97 -16.16
CA ARG A 212 26.09 -57.61 -15.03
C ARG A 212 27.46 -58.18 -15.38
N GLU B 9 -7.19 0.38 21.39
CA GLU B 9 -7.26 1.14 20.11
C GLU B 9 -7.97 2.48 20.37
N ILE B 10 -8.30 2.77 21.63
CA ILE B 10 -9.02 4.03 21.97
C ILE B 10 -8.04 4.94 22.73
N VAL B 11 -7.86 6.19 22.25
CA VAL B 11 -6.87 7.11 22.88
C VAL B 11 -7.51 8.48 23.13
N THR B 12 -8.43 8.57 24.09
CA THR B 12 -9.02 9.89 24.46
C THR B 12 -8.39 10.27 25.81
N SER B 13 -8.05 11.54 26.02
CA SER B 13 -7.40 11.81 27.32
C SER B 13 -8.36 11.45 28.45
N LYS B 14 -7.80 11.14 29.63
CA LYS B 14 -8.63 10.88 30.84
C LYS B 14 -9.49 12.11 31.11
N TYR B 15 -8.89 13.31 31.08
CA TYR B 15 -9.67 14.57 31.28
C TYR B 15 -10.93 14.53 30.42
N GLN B 16 -10.77 14.28 29.12
CA GLN B 16 -11.90 14.28 28.17
C GLN B 16 -12.94 13.24 28.60
N LYS B 17 -12.50 12.04 28.95
CA LYS B 17 -13.48 11.03 29.49
C LYS B 17 -14.26 11.66 30.64
N ILE B 18 -13.54 12.15 31.65
CA ILE B 18 -14.21 12.76 32.84
C ILE B 18 -15.23 13.79 32.37
N ALA B 19 -14.85 14.70 31.47
CA ALA B 19 -15.76 15.74 30.95
C ALA B 19 -17.03 15.09 30.38
N VAL B 20 -16.87 14.06 29.54
CA VAL B 20 -18.02 13.40 28.92
C VAL B 20 -18.92 12.78 29.97
N ALA B 21 -18.33 12.10 30.96
CA ALA B 21 -19.14 11.46 32.00
C ALA B 21 -19.99 12.47 32.76
N VAL B 22 -19.37 13.55 33.25
CA VAL B 22 -20.11 14.50 34.05
C VAL B 22 -21.12 15.26 33.19
N ALA B 23 -20.77 15.56 31.94
CA ALA B 23 -21.71 16.20 31.03
C ALA B 23 -22.91 15.31 30.75
N GLN B 24 -22.69 14.00 30.63
CA GLN B 24 -23.79 13.07 30.46
C GLN B 24 -24.71 13.10 31.67
N ARG B 25 -24.14 13.12 32.87
CA ARG B 25 -24.97 13.23 34.07
C ARG B 25 -25.79 14.51 34.07
N ILE B 26 -25.17 15.64 33.70
CA ILE B 26 -25.89 16.90 33.62
C ILE B 26 -27.04 16.81 32.64
N ALA B 27 -26.78 16.21 31.47
CA ALA B 27 -27.80 16.12 30.42
C ALA B 27 -28.94 15.18 30.82
N ASN B 28 -28.64 14.17 31.63
CA ASN B 28 -29.65 13.26 32.16
C ASN B 28 -30.49 13.94 33.23
N GLY B 29 -29.91 14.89 33.96
CA GLY B 29 -30.61 15.62 34.98
C GLY B 29 -30.22 15.20 36.38
N ASP B 30 -29.29 14.25 36.50
CA ASP B 30 -28.77 13.87 37.81
C ASP B 30 -28.14 15.07 38.49
N TYR B 31 -27.43 15.89 37.73
CA TYR B 31 -26.87 17.16 38.20
C TYR B 31 -27.72 18.28 37.61
N GLU B 32 -28.61 18.84 38.42
CA GLU B 32 -29.48 19.88 37.89
C GLU B 32 -28.71 21.19 37.65
N VAL B 33 -29.39 22.11 36.97
CA VAL B 33 -28.75 23.34 36.50
C VAL B 33 -28.27 24.18 37.68
N GLY B 34 -29.17 24.49 38.61
CA GLY B 34 -28.73 25.27 39.76
C GLY B 34 -27.96 24.48 40.79
N GLU B 35 -28.00 23.16 40.71
CA GLU B 35 -27.28 22.32 41.66
C GLU B 35 -25.78 22.46 41.45
N LYS B 36 -25.03 22.65 42.54
CA LYS B 36 -23.57 22.92 42.39
C LYS B 36 -22.80 21.61 42.41
N LEU B 37 -21.91 21.40 41.43
CA LEU B 37 -21.06 20.20 41.43
C LEU B 37 -19.94 20.42 42.43
N LYS B 38 -20.27 20.45 43.71
CA LYS B 38 -19.25 20.76 44.73
C LYS B 38 -18.44 19.51 45.07
N SER B 39 -17.44 19.66 45.95
CA SER B 39 -16.66 18.50 46.42
C SER B 39 -15.77 17.90 45.31
N ARG B 40 -14.61 18.52 45.04
CA ARG B 40 -13.64 18.05 44.01
C ARG B 40 -12.98 16.71 44.40
N THR B 41 -12.51 16.56 45.65
CA THR B 41 -11.98 15.22 46.06
C THR B 41 -13.19 14.29 45.98
N THR B 42 -14.34 14.80 46.41
CA THR B 42 -15.57 13.97 46.32
C THR B 42 -15.86 13.59 44.86
N ILE B 43 -15.45 14.40 43.87
CA ILE B 43 -15.70 13.96 42.50
C ILE B 43 -14.63 12.98 42.06
N ALA B 44 -13.40 13.17 42.54
CA ALA B 44 -12.34 12.19 42.28
C ALA B 44 -12.71 10.82 42.85
N SER B 45 -13.30 10.80 44.05
CA SER B 45 -13.71 9.54 44.68
C SER B 45 -14.83 8.86 43.92
N THR B 46 -15.68 9.63 43.22
CA THR B 46 -16.77 9.03 42.47
C THR B 46 -16.26 8.02 41.45
N PHE B 47 -15.21 8.39 40.69
CA PHE B 47 -14.58 7.50 39.70
C PHE B 47 -13.25 6.89 40.15
N ASN B 48 -12.89 7.01 41.43
CA ASN B 48 -11.61 6.56 42.03
C ASN B 48 -10.40 7.11 41.27
N VAL B 49 -10.54 8.31 40.70
CA VAL B 49 -9.45 8.91 39.87
C VAL B 49 -8.79 10.04 40.66
N SER B 50 -7.73 10.62 40.10
CA SER B 50 -7.03 11.74 40.77
C SER B 50 -7.93 12.98 40.83
N PRO B 51 -7.94 13.80 41.90
CA PRO B 51 -8.81 14.97 41.92
C PRO B 51 -8.40 16.03 40.90
N GLU B 52 -7.10 16.10 40.55
CA GLU B 52 -6.61 17.12 39.59
C GLU B 52 -6.93 16.75 38.14
N THR B 53 -6.95 15.47 37.78
CA THR B 53 -7.40 15.07 36.42
C THR B 53 -8.88 15.45 36.35
N ALA B 54 -9.64 15.14 37.43
CA ALA B 54 -11.07 15.48 37.49
C ALA B 54 -11.25 16.99 37.40
N ARG B 55 -10.43 17.75 38.13
CA ARG B 55 -10.56 19.22 38.14
C ARG B 55 -10.37 19.76 36.71
N LYS B 56 -9.42 19.16 35.98
CA LYS B 56 -9.14 19.68 34.62
C LYS B 56 -10.22 19.21 33.66
N GLY B 57 -10.69 17.98 33.77
CA GLY B 57 -11.84 17.57 32.94
C GLY B 57 -12.93 18.60 33.12
N LEU B 58 -13.23 18.98 34.37
CA LEU B 58 -14.25 20.00 34.67
C LEU B 58 -13.83 21.36 34.09
N ASN B 59 -12.54 21.69 34.12
CA ASN B 59 -12.06 22.98 33.54
C ASN B 59 -12.36 23.01 32.05
N ILE B 60 -12.08 21.94 31.30
CA ILE B 60 -12.34 21.88 29.84
C ILE B 60 -13.85 22.02 29.67
N LEU B 61 -14.64 21.37 30.54
CA LEU B 61 -16.11 21.58 30.49
C LEU B 61 -16.42 23.08 30.63
N ALA B 62 -15.92 23.72 31.70
CA ALA B 62 -16.18 25.16 31.96
C ALA B 62 -15.78 26.03 30.76
N ASP B 63 -14.71 25.67 30.06
CA ASP B 63 -14.22 26.50 28.93
C ASP B 63 -15.08 26.27 27.69
N LEU B 64 -15.69 25.08 27.57
CA LEU B 64 -16.68 24.86 26.47
C LEU B 64 -18.02 25.46 26.89
N GLN B 65 -18.10 26.08 28.09
CA GLN B 65 -19.33 26.77 28.57
C GLN B 65 -20.46 25.78 28.87
N ILE B 66 -20.16 24.69 29.59
CA ILE B 66 -21.23 23.75 30.03
C ILE B 66 -21.52 24.06 31.51
N LEU B 67 -20.48 24.40 32.28
CA LEU B 67 -20.67 24.76 33.71
C LEU B 67 -19.83 25.97 34.11
N THR B 68 -20.23 26.69 35.17
CA THR B 68 -19.51 27.90 35.63
C THR B 68 -18.69 27.56 36.88
N LEU B 69 -17.53 28.21 37.04
CA LEU B 69 -16.63 27.89 38.18
C LEU B 69 -16.38 29.13 39.03
N LYS B 70 -16.10 28.96 40.33
CA LYS B 70 -15.94 30.11 41.26
C LYS B 70 -15.47 29.64 42.65
N HIS B 71 -14.61 30.42 43.32
CA HIS B 71 -14.07 29.93 44.62
C HIS B 71 -15.17 29.55 45.59
N GLY B 72 -14.95 28.51 46.41
CA GLY B 72 -15.96 28.12 47.40
C GLY B 72 -17.24 27.51 46.83
N SER B 73 -17.61 27.84 45.59
CA SER B 73 -18.92 27.30 45.12
C SER B 73 -18.66 26.18 44.10
N GLY B 74 -19.17 24.97 44.36
CA GLY B 74 -19.01 23.84 43.41
C GLY B 74 -19.49 24.22 42.03
N ALA B 75 -18.92 23.61 40.97
CA ALA B 75 -19.26 23.95 39.58
C ALA B 75 -20.79 23.97 39.40
N ILE B 76 -21.35 25.16 39.13
CA ILE B 76 -22.82 25.28 38.89
C ILE B 76 -23.11 25.03 37.41
N ILE B 77 -24.22 24.34 37.11
CA ILE B 77 -24.59 23.98 35.70
C ILE B 77 -25.23 25.19 35.02
N LEU B 78 -24.78 25.55 33.82
CA LEU B 78 -25.28 26.81 33.20
C LEU B 78 -26.44 26.57 32.23
N SER B 79 -26.18 25.85 31.14
CA SER B 79 -27.23 25.69 30.10
C SER B 79 -27.50 24.21 29.82
N LYS B 80 -28.77 23.81 29.85
CA LYS B 80 -29.17 22.42 29.48
C LYS B 80 -29.05 22.31 27.97
N GLU B 81 -29.66 23.23 27.22
CA GLU B 81 -29.71 23.09 25.74
C GLU B 81 -28.30 22.95 25.18
N LYS B 82 -27.35 23.81 25.59
CA LYS B 82 -25.97 23.77 25.04
C LYS B 82 -25.18 22.56 25.53
N ALA B 83 -25.32 22.18 26.80
CA ALA B 83 -24.65 20.95 27.27
C ALA B 83 -25.15 19.76 26.44
N ILE B 84 -26.47 19.68 26.21
CA ILE B 84 -27.04 18.57 25.40
C ILE B 84 -26.41 18.62 24.01
N GLU B 85 -26.45 19.79 23.35
CA GLU B 85 -25.89 19.90 21.98
C GLU B 85 -24.46 19.40 22.01
N PHE B 86 -23.65 19.88 22.96
CA PHE B 86 -22.22 19.51 22.97
C PHE B 86 -22.07 18.00 23.14
N LEU B 87 -22.80 17.39 24.09
CA LEU B 87 -22.74 15.91 24.24
C LEU B 87 -22.93 15.25 22.86
N ASN B 88 -24.01 15.61 22.15
CA ASN B 88 -24.30 15.00 20.82
C ASN B 88 -23.15 15.27 19.85
N GLN B 89 -22.56 16.47 19.89
CA GLN B 89 -21.42 16.81 19.00
C GLN B 89 -20.29 15.81 19.24
N TYR B 90 -19.88 15.63 20.50
CA TYR B 90 -18.80 14.67 20.82
C TYR B 90 -19.19 13.26 20.36
N GLU B 91 -20.45 12.87 20.58
CA GLU B 91 -20.92 11.53 20.14
C GLU B 91 -20.68 11.37 18.64
N THR B 92 -20.91 12.36 17.78
CA THR B 92 -20.68 12.11 16.33
C THR B 92 -19.19 12.16 15.96
N SER B 93 -18.53 13.26 16.33
CA SER B 93 -17.12 13.45 15.91
C SER B 93 -16.19 12.35 16.43
N HIS B 94 -16.48 11.77 17.61
CA HIS B 94 -15.56 10.75 18.19
C HIS B 94 -15.61 9.48 17.34
N SER B 95 -16.80 9.10 16.90
CA SER B 95 -16.92 7.92 15.99
C SER B 95 -16.31 8.28 14.65
N VAL B 96 -16.43 9.55 14.23
CA VAL B 96 -15.72 9.92 12.97
C VAL B 96 -14.22 9.64 13.15
N ALA B 97 -13.68 10.05 14.29
CA ALA B 97 -12.23 9.87 14.55
C ALA B 97 -11.89 8.38 14.62
N ILE B 98 -12.78 7.56 15.17
CA ILE B 98 -12.52 6.09 15.25
C ILE B 98 -12.46 5.52 13.83
N LEU B 99 -13.37 5.95 12.97
CA LEU B 99 -13.34 5.50 11.57
C LEU B 99 -12.02 5.92 10.94
N LYS B 100 -11.54 7.14 11.22
CA LYS B 100 -10.20 7.57 10.71
C LYS B 100 -9.14 6.58 11.22
N GLY B 101 -9.12 6.31 12.53
CA GLY B 101 -8.20 5.33 13.14
C GLY B 101 -8.21 4.00 12.41
N LYS B 102 -9.32 3.61 11.77
CA LYS B 102 -9.42 2.29 11.06
C LYS B 102 -8.54 2.26 9.80
N ILE B 103 -8.67 3.23 8.89
CA ILE B 103 -7.89 3.33 7.62
C ILE B 103 -6.41 3.18 8.00
N ARG B 104 -6.05 3.60 9.22
CA ARG B 104 -4.66 3.53 9.73
C ARG B 104 -4.25 2.06 9.86
N ASP B 105 -5.16 1.20 10.33
CA ASP B 105 -4.86 -0.25 10.46
C ASP B 105 -4.62 -0.82 9.07
N ASN B 106 -5.44 -0.41 8.10
CA ASN B 106 -5.24 -0.88 6.69
C ASN B 106 -3.87 -0.45 6.19
N ILE B 107 -3.55 0.85 6.27
CA ILE B 107 -2.26 1.33 5.69
C ILE B 107 -1.10 0.60 6.40
N LYS B 108 -1.21 0.35 7.71
CA LYS B 108 -0.13 -0.32 8.46
C LYS B 108 0.04 -1.75 7.95
N ALA B 109 -1.04 -2.54 7.95
CA ALA B 109 -0.94 -3.94 7.49
C ALA B 109 -0.38 -3.98 6.07
N GLN B 110 -0.82 -3.06 5.20
CA GLN B 110 -0.39 -3.09 3.78
C GLN B 110 1.09 -2.73 3.68
N GLN B 111 1.55 -1.74 4.46
CA GLN B 111 2.99 -1.39 4.47
C GLN B 111 3.78 -2.60 4.96
N GLN B 112 3.24 -3.31 5.95
CA GLN B 112 3.93 -4.52 6.47
C GLN B 112 4.03 -5.55 5.34
N GLU B 113 2.95 -5.80 4.62
CA GLU B 113 2.93 -6.83 3.55
C GLU B 113 3.83 -6.40 2.39
N MET B 114 4.04 -5.08 2.23
CA MET B 114 4.95 -4.56 1.19
C MET B 114 6.39 -4.86 1.64
N GLU B 115 6.74 -4.51 2.87
CA GLU B 115 8.08 -4.86 3.40
C GLU B 115 8.25 -6.37 3.28
N GLU B 116 7.15 -7.11 3.45
CA GLU B 116 7.22 -8.57 3.33
C GLU B 116 7.42 -8.97 1.87
N LEU B 117 6.66 -8.32 0.97
CA LEU B 117 6.81 -8.54 -0.46
C LEU B 117 8.23 -8.26 -0.94
N ALA B 118 8.83 -7.17 -0.43
CA ALA B 118 10.19 -6.83 -0.84
C ALA B 118 11.16 -7.94 -0.49
N THR B 119 11.04 -8.49 0.72
CA THR B 119 11.95 -9.56 1.09
C THR B 119 11.66 -10.82 0.29
N LEU B 120 10.38 -11.08 0.02
CA LEU B 120 10.01 -12.25 -0.76
C LEU B 120 10.59 -12.20 -2.17
N VAL B 121 10.54 -11.03 -2.82
CA VAL B 121 11.04 -10.95 -4.19
C VAL B 121 12.56 -10.93 -4.24
N ASP B 122 13.21 -10.33 -3.23
CA ASP B 122 14.66 -10.48 -3.13
C ASP B 122 15.05 -11.95 -3.08
N ASP B 123 14.45 -12.71 -2.16
CA ASP B 123 14.75 -14.14 -2.07
C ASP B 123 14.32 -14.90 -3.32
N PHE B 124 13.29 -14.41 -4.01
CA PHE B 124 12.84 -15.06 -5.26
C PHE B 124 13.97 -14.95 -6.29
N LEU B 125 14.61 -13.78 -6.37
CA LEU B 125 15.75 -13.60 -7.29
C LEU B 125 16.86 -14.55 -6.83
N LEU B 126 17.10 -14.60 -5.53
CA LEU B 126 18.15 -15.47 -4.99
C LEU B 126 17.92 -16.91 -5.43
N GLN B 127 16.64 -17.32 -5.43
CA GLN B 127 16.30 -18.72 -5.79
C GLN B 127 16.54 -18.92 -7.28
N THR B 128 16.15 -17.95 -8.12
CA THR B 128 16.29 -18.11 -9.60
C THR B 128 17.76 -18.35 -9.94
N ARG B 129 18.66 -17.48 -9.46
CA ARG B 129 20.12 -17.65 -9.74
C ARG B 129 20.63 -18.95 -9.10
N ALA B 130 20.14 -19.30 -7.91
CA ALA B 130 20.55 -20.56 -7.24
C ALA B 130 20.12 -21.76 -8.09
N VAL B 131 18.92 -21.74 -8.65
CA VAL B 131 18.47 -22.95 -9.42
C VAL B 131 19.10 -22.93 -10.81
N SER B 132 19.45 -21.74 -11.34
CA SER B 132 20.15 -21.72 -12.62
C SER B 132 21.43 -22.54 -12.56
N LYS B 133 21.99 -22.71 -11.35
CA LYS B 133 23.20 -23.56 -11.18
C LYS B 133 22.74 -25.01 -10.98
N GLN B 134 22.23 -25.67 -12.02
CA GLN B 134 21.65 -27.03 -11.78
C GLN B 134 22.61 -28.15 -12.11
N TYR B 135 22.13 -29.40 -12.03
CA TYR B 135 22.98 -30.60 -12.33
C TYR B 135 22.36 -31.14 -13.63
N PRO B 136 22.40 -32.44 -14.02
CA PRO B 136 21.73 -32.89 -15.25
C PRO B 136 20.33 -32.33 -15.53
N LEU B 137 19.44 -32.26 -14.54
CA LEU B 137 18.05 -31.83 -14.83
C LEU B 137 17.32 -31.33 -13.57
N ALA B 138 16.42 -30.36 -13.74
CA ALA B 138 15.62 -29.84 -12.61
C ALA B 138 14.13 -30.00 -12.94
N PRO B 139 13.43 -31.04 -12.45
CA PRO B 139 12.03 -31.27 -12.82
C PRO B 139 11.11 -30.12 -12.38
N TYR B 140 10.18 -29.74 -13.26
CA TYR B 140 9.19 -28.68 -12.91
C TYR B 140 8.30 -29.19 -11.77
N GLU B 141 8.06 -28.35 -10.75
CA GLU B 141 7.17 -28.79 -9.64
C GLU B 141 5.88 -27.97 -9.65
N ILE B 142 4.72 -28.61 -9.87
CA ILE B 142 3.45 -27.91 -9.80
C ILE B 142 2.67 -28.42 -8.58
N ILE B 143 1.98 -27.49 -7.92
CA ILE B 143 1.08 -27.82 -6.82
C ILE B 143 -0.33 -27.79 -7.37
N VAL B 144 -1.00 -28.95 -7.37
CA VAL B 144 -2.33 -29.05 -7.95
C VAL B 144 -3.40 -28.63 -6.94
N SER B 145 -3.44 -27.33 -6.66
CA SER B 145 -4.26 -26.77 -5.61
CA SER B 145 -4.26 -26.77 -5.61
C SER B 145 -5.64 -26.35 -6.09
N GLU B 146 -5.89 -26.30 -7.39
CA GLU B 146 -7.18 -25.87 -7.92
C GLU B 146 -8.07 -27.09 -8.18
N ASP B 147 -9.37 -26.86 -8.21
CA ASP B 147 -10.30 -27.92 -8.58
C ASP B 147 -10.05 -28.34 -10.02
N SER B 148 -10.21 -29.64 -10.28
CA SER B 148 -9.92 -30.17 -11.61
C SER B 148 -10.55 -31.54 -11.74
N GLU B 149 -11.15 -31.80 -12.91
CA GLU B 149 -11.68 -33.11 -13.25
C GLU B 149 -10.61 -34.20 -13.19
N HIS B 150 -9.33 -33.83 -13.22
CA HIS B 150 -8.27 -34.82 -13.23
C HIS B 150 -7.88 -35.29 -11.83
N LEU B 151 -8.34 -34.62 -10.78
CA LEU B 151 -7.96 -35.02 -9.43
C LEU B 151 -8.74 -36.24 -9.00
N GLY B 152 -8.13 -37.04 -8.13
CA GLY B 152 -8.73 -38.29 -7.72
C GLY B 152 -8.62 -39.39 -8.74
N LYS B 153 -7.82 -39.21 -9.78
CA LYS B 153 -7.56 -40.21 -10.80
C LYS B 153 -6.11 -40.67 -10.73
N SER B 154 -5.88 -41.87 -11.25
CA SER B 154 -4.53 -42.40 -11.33
C SER B 154 -3.82 -41.84 -12.57
N ILE B 155 -2.49 -41.89 -12.52
CA ILE B 155 -1.67 -41.42 -13.64
C ILE B 155 -2.01 -42.18 -14.91
N GLY B 156 -2.26 -43.50 -14.79
CA GLY B 156 -2.62 -44.30 -15.94
C GLY B 156 -3.99 -43.96 -16.50
N GLU B 157 -4.98 -43.73 -15.63
CA GLU B 157 -6.30 -43.31 -16.08
C GLU B 157 -6.20 -41.99 -16.82
N LEU B 158 -5.39 -41.06 -16.32
CA LEU B 158 -5.22 -39.77 -16.96
C LEU B 158 -4.46 -39.91 -18.26
N ASN B 159 -3.59 -40.92 -18.37
CA ASN B 159 -2.73 -41.10 -19.53
C ASN B 159 -1.82 -39.89 -19.72
N VAL B 160 -1.16 -39.48 -18.63
CA VAL B 160 -0.57 -38.14 -18.53
C VAL B 160 0.37 -37.82 -19.69
N TRP B 161 1.32 -38.71 -20.02
CA TRP B 161 2.31 -38.36 -21.06
C TRP B 161 1.61 -38.01 -22.37
N HIS B 162 0.55 -38.74 -22.72
CA HIS B 162 -0.17 -38.47 -23.96
C HIS B 162 -1.01 -37.20 -23.89
N GLN B 163 -1.38 -36.75 -22.68
CA GLN B 163 -2.17 -35.54 -22.56
C GLN B 163 -1.32 -34.28 -22.57
N THR B 164 -0.12 -34.34 -21.98
CA THR B 164 0.67 -33.14 -21.71
C THR B 164 2.12 -33.24 -22.15
N GLY B 165 2.61 -34.41 -22.54
CA GLY B 165 4.02 -34.56 -22.86
C GLY B 165 4.93 -34.68 -21.66
N ALA B 166 4.39 -34.72 -20.45
CA ALA B 166 5.20 -34.76 -19.23
C ALA B 166 5.46 -36.19 -18.78
N THR B 167 6.66 -36.40 -18.24
CA THR B 167 6.98 -37.65 -17.55
C THR B 167 7.10 -37.33 -16.07
N ILE B 168 6.16 -37.85 -15.27
CA ILE B 168 6.15 -37.59 -13.83
C ILE B 168 7.22 -38.44 -13.16
N VAL B 169 8.10 -37.80 -12.39
CA VAL B 169 9.18 -38.49 -11.69
C VAL B 169 8.83 -38.75 -10.23
N ALA B 170 7.97 -37.92 -9.65
CA ALA B 170 7.59 -38.11 -8.26
C ALA B 170 6.30 -37.37 -7.96
N ILE B 171 5.56 -37.87 -6.96
CA ILE B 171 4.42 -37.18 -6.38
CA ILE B 171 4.41 -37.19 -6.38
C ILE B 171 4.72 -36.96 -4.91
N GLU B 172 4.47 -35.75 -4.44
CA GLU B 172 4.51 -35.47 -3.01
C GLU B 172 3.07 -35.36 -2.52
N HIS B 173 2.72 -36.18 -1.54
CA HIS B 173 1.37 -36.26 -1.02
C HIS B 173 1.46 -36.29 0.50
N GLU B 174 0.82 -35.34 1.18
CA GLU B 174 0.89 -35.26 2.63
C GLU B 174 2.34 -35.23 3.12
N GLY B 175 3.20 -34.57 2.34
CA GLY B 175 4.59 -34.41 2.71
C GLY B 175 5.47 -35.61 2.43
N LYS B 176 4.93 -36.68 1.86
CA LYS B 176 5.65 -37.91 1.57
C LYS B 176 5.86 -38.03 0.08
N PHE B 177 7.01 -38.54 -0.34
CA PHE B 177 7.37 -38.63 -1.75
C PHE B 177 7.29 -40.07 -2.23
N ILE B 178 6.72 -40.24 -3.41
CA ILE B 178 6.79 -41.50 -4.15
C ILE B 178 7.54 -41.21 -5.44
N VAL B 179 8.68 -41.87 -5.61
CA VAL B 179 9.53 -41.69 -6.79
C VAL B 179 9.23 -42.82 -7.76
N SER B 180 9.23 -42.51 -9.07
CA SER B 180 8.89 -43.48 -10.11
C SER B 180 7.48 -44.03 -9.87
N PRO B 181 6.46 -43.17 -9.96
CA PRO B 181 5.15 -43.52 -9.34
C PRO B 181 4.36 -44.60 -10.06
N GLY B 182 4.53 -44.78 -11.36
CA GLY B 182 3.74 -45.73 -12.09
C GLY B 182 2.31 -45.31 -12.32
N PRO B 183 1.56 -46.15 -13.05
CA PRO B 183 0.22 -45.77 -13.50
C PRO B 183 -0.85 -45.82 -12.44
N PHE B 184 -0.60 -46.49 -11.32
CA PHE B 184 -1.61 -46.66 -10.30
C PHE B 184 -1.55 -45.61 -9.20
N SER B 185 -0.52 -44.77 -9.19
CA SER B 185 -0.46 -43.66 -8.26
C SER B 185 -1.53 -42.65 -8.58
N VAL B 186 -2.18 -42.12 -7.55
CA VAL B 186 -3.31 -41.20 -7.71
C VAL B 186 -2.84 -39.77 -7.42
N ILE B 187 -3.37 -38.82 -8.16
CA ILE B 187 -3.10 -37.39 -7.99
CA ILE B 187 -3.07 -37.41 -7.94
C ILE B 187 -4.25 -36.79 -7.20
N GLU B 188 -3.97 -36.25 -6.01
CA GLU B 188 -4.99 -35.65 -5.15
C GLU B 188 -4.75 -34.16 -4.99
N GLN B 189 -5.80 -33.44 -4.60
CA GLN B 189 -5.69 -31.99 -4.52
C GLN B 189 -4.65 -31.60 -3.48
N GLY B 190 -3.81 -30.63 -3.84
CA GLY B 190 -2.74 -30.19 -2.97
C GLY B 190 -1.44 -30.92 -3.15
N ASP B 191 -1.42 -32.02 -3.90
CA ASP B 191 -0.17 -32.73 -4.12
C ASP B 191 0.78 -31.88 -4.95
N HIS B 192 2.08 -32.18 -4.83
CA HIS B 192 3.09 -31.61 -5.70
C HIS B 192 3.48 -32.66 -6.73
N ILE B 193 3.41 -32.29 -8.01
CA ILE B 193 3.81 -33.18 -9.10
C ILE B 193 5.14 -32.68 -9.64
N PHE B 194 6.13 -33.59 -9.63
CA PHE B 194 7.46 -33.27 -10.20
C PHE B 194 7.53 -34.01 -11.54
N PHE B 195 7.93 -33.32 -12.61
CA PHE B 195 7.92 -33.93 -13.94
C PHE B 195 9.01 -33.31 -14.81
N VAL B 196 9.49 -34.09 -15.78
CA VAL B 196 10.45 -33.61 -16.76
C VAL B 196 9.74 -33.28 -18.06
N GLY B 197 10.43 -32.45 -18.86
CA GLY B 197 9.89 -31.96 -20.14
C GLY B 197 10.58 -30.64 -20.48
N ASP B 198 9.94 -29.78 -21.27
CA ASP B 198 10.44 -28.45 -21.56
C ASP B 198 9.39 -27.42 -21.16
N GLU B 199 9.62 -26.17 -21.57
CA GLU B 199 8.72 -25.05 -21.17
C GLU B 199 7.31 -25.28 -21.71
N ASP B 200 7.20 -25.90 -22.89
CA ASP B 200 5.88 -26.16 -23.46
C ASP B 200 5.16 -27.25 -22.69
N VAL B 201 5.88 -28.29 -22.26
CA VAL B 201 5.28 -29.33 -21.43
C VAL B 201 4.77 -28.73 -20.12
N TYR B 202 5.56 -27.84 -19.53
CA TYR B 202 5.10 -27.15 -18.33
C TYR B 202 3.78 -26.42 -18.58
N ALA B 203 3.69 -25.69 -19.71
CA ALA B 203 2.45 -24.97 -20.02
C ALA B 203 1.28 -25.91 -20.17
N ARG B 204 1.49 -27.08 -20.79
CA ARG B 204 0.44 -28.08 -20.92
C ARG B 204 -0.01 -28.60 -19.55
N MET B 205 0.95 -28.93 -18.67
CA MET B 205 0.59 -29.42 -17.34
C MET B 205 -0.19 -28.38 -16.55
N LYS B 206 0.25 -27.13 -16.62
CA LYS B 206 -0.46 -26.09 -15.88
C LYS B 206 -1.89 -25.91 -16.38
N THR B 207 -2.07 -25.94 -17.70
CA THR B 207 -3.43 -25.82 -18.24
C THR B 207 -4.27 -27.03 -17.89
N TYR B 208 -3.68 -28.22 -18.02
CA TYR B 208 -4.38 -29.46 -17.77
C TYR B 208 -4.92 -29.54 -16.36
N PHE B 209 -4.19 -29.02 -15.37
CA PHE B 209 -4.61 -29.06 -13.98
C PHE B 209 -5.28 -27.77 -13.51
N ASN B 210 -5.73 -26.93 -14.44
CA ASN B 210 -6.57 -25.77 -14.09
C ASN B 210 -5.80 -24.73 -13.28
N LEU B 211 -4.53 -24.52 -13.63
CA LEU B 211 -3.66 -23.61 -12.91
C LEU B 211 -3.38 -22.32 -13.67
N ARG B 212 -4.19 -22.02 -14.69
CA ARG B 212 -4.00 -20.72 -15.38
C ARG B 212 -3.61 -19.72 -14.29
N MET B 213 -4.41 -19.63 -13.23
CA MET B 213 -4.05 -18.75 -12.08
C MET B 213 -3.80 -17.34 -12.60
N GLY B 214 -4.59 -16.89 -13.58
CA GLY B 214 -4.35 -15.57 -14.19
C GLY B 214 -2.92 -15.48 -14.68
N GLU C 9 18.56 3.51 -9.09
CA GLU C 9 18.13 2.75 -10.30
C GLU C 9 18.93 1.44 -10.39
N ILE C 10 19.81 1.32 -11.39
CA ILE C 10 20.53 0.02 -11.59
C ILE C 10 21.98 0.16 -11.13
N VAL C 11 22.40 -0.64 -10.16
CA VAL C 11 23.83 -0.65 -9.73
C VAL C 11 24.30 -2.10 -9.67
N THR C 12 25.43 -2.41 -10.30
CA THR C 12 26.00 -3.79 -10.26
C THR C 12 27.38 -3.68 -9.60
N SER C 13 28.03 -4.80 -9.24
CA SER C 13 29.40 -4.62 -8.71
C SER C 13 30.35 -4.36 -9.87
N LYS C 14 31.37 -3.51 -9.69
CA LYS C 14 32.39 -3.27 -10.74
C LYS C 14 33.08 -4.60 -11.03
N TYR C 15 33.41 -5.36 -9.97
CA TYR C 15 34.01 -6.71 -10.12
C TYR C 15 33.11 -7.49 -11.08
N GLN C 16 31.80 -7.51 -10.79
CA GLN C 16 30.84 -8.24 -11.64
C GLN C 16 30.92 -7.62 -13.03
N LYS C 17 30.93 -6.29 -13.10
CA LYS C 17 30.91 -5.67 -14.42
C LYS C 17 32.07 -6.17 -15.27
N ILE C 18 33.29 -6.20 -14.69
CA ILE C 18 34.45 -6.68 -15.41
C ILE C 18 34.27 -8.14 -15.83
N ALA C 19 33.83 -8.97 -14.88
CA ALA C 19 33.58 -10.39 -15.14
C ALA C 19 32.61 -10.56 -16.30
N VAL C 20 31.49 -9.82 -16.26
CA VAL C 20 30.50 -9.92 -17.32
C VAL C 20 31.08 -9.50 -18.66
N ALA C 21 31.86 -8.41 -18.67
CA ALA C 21 32.46 -7.95 -19.92
C ALA C 21 33.37 -9.01 -20.53
N VAL C 22 34.28 -9.56 -19.73
CA VAL C 22 35.21 -10.54 -20.29
C VAL C 22 34.49 -11.83 -20.66
N ALA C 23 33.48 -12.23 -19.87
CA ALA C 23 32.69 -13.41 -20.22
C ALA C 23 31.95 -13.20 -21.54
N GLN C 24 31.42 -12.00 -21.76
CA GLN C 24 30.79 -11.69 -23.04
C GLN C 24 31.78 -11.78 -24.18
N ARG C 25 32.99 -11.24 -23.98
CA ARG C 25 34.00 -11.35 -25.04
C ARG C 25 34.32 -12.80 -25.35
N ILE C 26 34.51 -13.62 -24.32
CA ILE C 26 34.77 -15.04 -24.52
C ILE C 26 33.61 -15.68 -25.28
N ALA C 27 32.37 -15.33 -24.92
CA ALA C 27 31.21 -15.93 -25.56
C ALA C 27 31.06 -15.43 -27.00
N ASN C 28 31.49 -14.21 -27.29
CA ASN C 28 31.43 -13.71 -28.65
C ASN C 28 32.51 -14.34 -29.51
N GLY C 29 33.59 -14.80 -28.90
CA GLY C 29 34.64 -15.49 -29.63
C GLY C 29 35.94 -14.72 -29.76
N ASP C 30 36.05 -13.53 -29.18
CA ASP C 30 37.32 -12.83 -29.19
C ASP C 30 38.40 -13.65 -28.48
N TYR C 31 38.03 -14.28 -27.35
CA TYR C 31 38.97 -15.20 -26.67
C TYR C 31 38.48 -16.62 -26.94
N GLU C 32 39.09 -17.32 -27.89
CA GLU C 32 38.62 -18.69 -28.27
C GLU C 32 38.96 -19.69 -27.18
N VAL C 33 38.30 -20.86 -27.18
CA VAL C 33 38.64 -21.92 -26.17
C VAL C 33 40.09 -22.33 -26.39
N GLY C 34 40.86 -22.45 -25.30
CA GLY C 34 42.29 -22.82 -25.42
C GLY C 34 43.18 -21.61 -25.72
N GLU C 35 42.60 -20.41 -25.78
CA GLU C 35 43.42 -19.19 -26.00
C GLU C 35 44.18 -18.87 -24.72
N LYS C 36 45.50 -18.64 -24.83
CA LYS C 36 46.35 -18.33 -23.65
C LYS C 36 46.06 -16.91 -23.16
N LEU C 37 46.29 -16.63 -21.87
CA LEU C 37 46.10 -15.23 -21.41
C LEU C 37 47.03 -14.99 -20.21
N LYS C 38 48.35 -14.83 -20.42
CA LYS C 38 49.24 -14.44 -19.29
C LYS C 38 48.85 -12.98 -19.13
N SER C 39 48.05 -12.66 -18.11
CA SER C 39 47.51 -11.27 -18.12
C SER C 39 47.60 -10.45 -16.85
N ARG C 40 46.63 -10.57 -15.93
CA ARG C 40 46.55 -9.54 -14.85
C ARG C 40 46.90 -8.11 -15.25
N THR C 41 48.17 -7.73 -15.20
CA THR C 41 48.52 -6.30 -15.35
C THR C 41 48.13 -5.66 -16.68
N THR C 42 48.15 -6.42 -17.76
CA THR C 42 47.89 -5.82 -19.09
C THR C 42 46.40 -5.48 -19.24
N ILE C 43 45.54 -6.43 -18.92
CA ILE C 43 44.08 -6.15 -19.00
C ILE C 43 43.69 -5.14 -17.93
N ALA C 44 44.41 -5.13 -16.82
CA ALA C 44 44.12 -4.12 -15.78
C ALA C 44 44.31 -2.72 -16.34
N SER C 45 45.37 -2.51 -17.13
CA SER C 45 45.55 -1.20 -17.75
C SER C 45 44.52 -0.97 -18.85
N THR C 46 44.10 -2.03 -19.54
CA THR C 46 43.04 -1.87 -20.53
C THR C 46 41.76 -1.33 -19.86
N PHE C 47 41.43 -1.84 -18.68
CA PHE C 47 40.25 -1.41 -17.93
C PHE C 47 40.51 -0.26 -16.96
N ASN C 48 41.72 0.31 -17.01
CA ASN C 48 42.06 1.47 -16.13
C ASN C 48 41.68 1.13 -14.70
N VAL C 49 42.05 -0.07 -14.25
CA VAL C 49 41.75 -0.51 -12.85
C VAL C 49 43.07 -0.99 -12.25
N SER C 50 43.14 -1.08 -10.92
CA SER C 50 44.37 -1.60 -10.27
C SER C 50 44.58 -3.04 -10.74
N PRO C 51 45.83 -3.52 -10.92
CA PRO C 51 46.07 -4.87 -11.45
C PRO C 51 45.40 -5.90 -10.55
N GLU C 52 45.37 -5.63 -9.25
CA GLU C 52 44.79 -6.57 -8.26
C GLU C 52 43.28 -6.70 -8.47
N THR C 53 42.62 -5.59 -8.82
CA THR C 53 41.14 -5.59 -9.03
C THR C 53 40.78 -6.54 -10.19
N ALA C 54 41.70 -6.69 -11.16
CA ALA C 54 41.47 -7.58 -12.32
C ALA C 54 41.21 -9.00 -11.86
N ARG C 55 42.08 -9.53 -11.00
CA ARG C 55 41.91 -10.93 -10.51
C ARG C 55 40.60 -11.01 -9.74
N LYS C 56 40.32 -10.02 -8.89
CA LYS C 56 39.05 -10.00 -8.11
C LYS C 56 37.95 -10.46 -9.07
N GLY C 57 38.07 -10.08 -10.35
CA GLY C 57 37.09 -10.57 -11.35
C GLY C 57 37.36 -11.89 -12.06
N LEU C 58 38.62 -12.36 -12.18
CA LEU C 58 38.91 -13.56 -13.03
C LEU C 58 39.06 -14.93 -12.31
N ASN C 59 39.06 -15.02 -10.98
CA ASN C 59 39.15 -16.30 -10.20
C ASN C 59 37.70 -16.71 -9.96
N ILE C 60 36.81 -15.73 -9.85
CA ILE C 60 35.35 -16.03 -9.76
C ILE C 60 34.98 -16.77 -11.05
N LEU C 61 35.55 -16.38 -12.20
CA LEU C 61 35.24 -17.12 -13.46
C LEU C 61 35.84 -18.53 -13.43
N ALA C 62 37.02 -18.72 -12.84
CA ALA C 62 37.70 -20.04 -12.80
C ALA C 62 36.93 -21.03 -11.94
N ASP C 63 36.63 -20.69 -10.67
CA ASP C 63 35.76 -21.55 -9.88
C ASP C 63 34.46 -21.88 -10.59
N LEU C 64 34.00 -21.01 -11.49
CA LEU C 64 32.82 -21.32 -12.28
C LEU C 64 33.18 -22.13 -13.53
N GLN C 65 34.42 -22.61 -13.61
CA GLN C 65 34.89 -23.47 -14.73
C GLN C 65 34.65 -22.80 -16.08
N ILE C 66 35.00 -21.52 -16.18
CA ILE C 66 34.91 -20.82 -17.51
C ILE C 66 36.30 -20.79 -18.12
N LEU C 67 37.34 -20.86 -17.26
CA LEU C 67 38.74 -20.76 -17.74
C LEU C 67 39.66 -21.45 -16.72
N THR C 68 40.92 -21.69 -17.06
CA THR C 68 41.87 -22.28 -16.09
C THR C 68 43.19 -21.51 -16.02
N LEU C 69 43.60 -21.10 -14.83
CA LEU C 69 44.89 -20.37 -14.64
C LEU C 69 45.73 -21.07 -13.57
N LYS C 70 46.86 -21.64 -13.97
CA LYS C 70 47.78 -22.26 -12.99
C LYS C 70 48.46 -21.11 -12.25
N HIS C 71 49.11 -21.39 -11.12
CA HIS C 71 49.70 -20.29 -10.33
C HIS C 71 50.76 -19.58 -11.19
N GLY C 72 50.83 -18.24 -11.13
CA GLY C 72 51.80 -17.46 -11.92
C GLY C 72 51.67 -17.67 -13.43
N SER C 73 50.47 -17.89 -13.95
CA SER C 73 50.35 -18.21 -15.40
C SER C 73 49.26 -17.41 -16.12
N GLY C 74 48.94 -17.79 -17.36
CA GLY C 74 47.89 -17.12 -18.16
C GLY C 74 46.58 -17.89 -18.18
N ALA C 75 45.45 -17.19 -18.30
CA ALA C 75 44.12 -17.85 -18.24
C ALA C 75 43.77 -18.58 -19.55
N ILE C 76 43.53 -19.89 -19.47
CA ILE C 76 43.21 -20.72 -20.68
C ILE C 76 41.70 -20.95 -20.72
N ILE C 77 41.03 -20.49 -21.78
CA ILE C 77 39.53 -20.60 -21.87
C ILE C 77 39.16 -22.09 -21.92
N LEU C 78 38.13 -22.51 -21.18
CA LEU C 78 37.82 -23.96 -21.10
C LEU C 78 36.61 -24.39 -21.92
N SER C 79 35.43 -23.88 -21.59
CA SER C 79 34.19 -24.36 -22.29
C SER C 79 33.42 -23.23 -22.96
N LYS C 80 33.30 -23.27 -24.28
CA LYS C 80 32.48 -22.24 -24.97
C LYS C 80 31.05 -22.43 -24.51
N GLU C 81 30.52 -23.66 -24.62
CA GLU C 81 29.08 -23.88 -24.33
C GLU C 81 28.74 -23.37 -22.92
N LYS C 82 29.53 -23.73 -21.91
CA LYS C 82 29.22 -23.32 -20.50
C LYS C 82 29.45 -21.82 -20.26
N ALA C 83 30.51 -21.24 -20.84
CA ALA C 83 30.69 -19.78 -20.71
C ALA C 83 29.47 -19.08 -21.31
N ILE C 84 29.03 -19.52 -22.49
CA ILE C 84 27.84 -18.92 -23.16
C ILE C 84 26.65 -19.04 -22.20
N GLU C 85 26.37 -20.26 -21.72
CA GLU C 85 25.20 -20.47 -20.82
C GLU C 85 25.31 -19.50 -19.66
N PHE C 86 26.48 -19.43 -19.02
CA PHE C 86 26.61 -18.57 -17.82
C PHE C 86 26.35 -17.12 -18.19
N LEU C 87 26.95 -16.63 -19.27
CA LEU C 87 26.80 -15.20 -19.58
C LEU C 87 25.32 -14.96 -19.85
N ASN C 88 24.70 -15.88 -20.60
CA ASN C 88 23.28 -15.63 -20.97
C ASN C 88 22.47 -15.54 -19.69
N GLN C 89 22.50 -16.61 -18.89
CA GLN C 89 21.75 -16.63 -17.60
C GLN C 89 22.05 -15.33 -16.87
N TYR C 90 23.32 -14.97 -16.73
CA TYR C 90 23.59 -13.78 -15.89
C TYR C 90 22.89 -12.55 -16.48
N GLU C 91 23.04 -12.29 -17.77
CA GLU C 91 22.45 -11.04 -18.33
C GLU C 91 20.91 -11.07 -18.26
N THR C 92 20.29 -12.22 -18.57
CA THR C 92 18.81 -12.26 -18.62
C THR C 92 18.27 -12.23 -17.19
N SER C 93 19.10 -12.61 -16.21
CA SER C 93 18.66 -12.70 -14.80
C SER C 93 19.09 -11.44 -14.09
N HIS C 94 19.89 -10.63 -14.80
CA HIS C 94 20.22 -9.28 -14.33
C HIS C 94 19.02 -8.49 -14.86
N SER C 95 18.37 -8.99 -15.93
CA SER C 95 17.07 -8.37 -16.32
C SER C 95 16.08 -8.86 -15.26
N VAL C 96 16.32 -10.07 -14.75
CA VAL C 96 15.43 -10.48 -13.63
C VAL C 96 15.69 -9.44 -12.56
N ALA C 97 16.95 -9.02 -12.41
CA ALA C 97 17.38 -8.07 -11.34
C ALA C 97 16.72 -6.71 -11.55
N ILE C 98 16.66 -6.25 -12.79
CA ILE C 98 16.07 -4.91 -13.10
C ILE C 98 14.58 -4.97 -12.78
N LEU C 99 13.90 -6.08 -13.14
CA LEU C 99 12.46 -6.21 -12.80
C LEU C 99 12.31 -6.21 -11.27
N LYS C 100 13.20 -6.91 -10.58
CA LYS C 100 13.17 -6.94 -9.10
C LYS C 100 13.33 -5.51 -8.57
N GLY C 101 14.34 -4.78 -9.09
CA GLY C 101 14.52 -3.40 -8.66
C GLY C 101 13.29 -2.54 -8.90
N LYS C 102 12.64 -2.69 -10.06
CA LYS C 102 11.40 -1.92 -10.31
C LYS C 102 10.32 -2.32 -9.29
N ILE C 103 10.25 -3.60 -8.88
CA ILE C 103 9.22 -3.93 -7.90
C ILE C 103 9.50 -3.23 -6.57
N ARG C 104 10.76 -3.20 -6.14
CA ARG C 104 11.09 -2.53 -4.90
C ARG C 104 10.86 -1.02 -4.99
N ASP C 105 11.21 -0.41 -6.14
CA ASP C 105 10.89 1.00 -6.32
C ASP C 105 9.39 1.23 -6.24
N ASN C 106 8.62 0.35 -6.90
CA ASN C 106 7.15 0.48 -6.92
C ASN C 106 6.60 0.34 -5.50
N ILE C 107 6.99 -0.70 -4.77
CA ILE C 107 6.40 -0.87 -3.41
C ILE C 107 6.83 0.28 -2.50
N LYS C 108 8.08 0.76 -2.58
CA LYS C 108 8.47 1.92 -1.74
C LYS C 108 7.67 3.16 -2.13
N ALA C 109 7.48 3.38 -3.43
CA ALA C 109 6.68 4.54 -3.86
C ALA C 109 5.25 4.41 -3.30
N GLN C 110 4.71 3.20 -3.30
CA GLN C 110 3.32 2.98 -2.80
C GLN C 110 3.28 3.21 -1.29
N GLN C 111 4.32 2.81 -0.57
CA GLN C 111 4.41 3.09 0.89
C GLN C 111 4.41 4.61 1.07
N GLN C 112 5.12 5.39 0.20
CA GLN C 112 5.16 6.90 0.18
C GLN C 112 3.77 7.46 -0.08
N GLU C 113 3.03 6.85 -1.00
CA GLU C 113 1.65 7.30 -1.29
C GLU C 113 0.75 7.03 -0.08
N MET C 114 0.96 5.90 0.60
CA MET C 114 0.05 5.52 1.70
C MET C 114 0.39 6.37 2.92
N GLU C 115 1.65 6.79 3.04
CA GLU C 115 1.99 7.69 4.14
C GLU C 115 1.32 9.06 3.94
N GLU C 116 1.40 9.58 2.71
CA GLU C 116 0.66 10.79 2.38
C GLU C 116 -0.83 10.62 2.66
N LEU C 117 -1.38 9.46 2.30
CA LEU C 117 -2.78 9.17 2.59
C LEU C 117 -3.06 9.27 4.08
N ALA C 118 -2.16 8.74 4.90
CA ALA C 118 -2.36 8.79 6.37
C ALA C 118 -2.48 10.25 6.80
N THR C 119 -1.53 11.08 6.39
CA THR C 119 -1.59 12.47 6.84
C THR C 119 -2.83 13.17 6.29
N LEU C 120 -3.23 12.82 5.07
CA LEU C 120 -4.42 13.41 4.48
C LEU C 120 -5.66 13.08 5.30
N VAL C 121 -5.81 11.82 5.72
CA VAL C 121 -7.06 11.44 6.44
C VAL C 121 -7.07 12.08 7.82
N ASP C 122 -5.91 12.12 8.50
CA ASP C 122 -5.83 12.81 9.81
C ASP C 122 -6.21 14.28 9.58
N ASP C 123 -5.56 14.92 8.60
CA ASP C 123 -5.87 16.33 8.28
C ASP C 123 -7.35 16.46 7.91
N PHE C 124 -7.88 15.53 7.12
CA PHE C 124 -9.31 15.56 6.74
C PHE C 124 -10.18 15.60 8.00
N LEU C 125 -9.97 14.66 8.92
CA LEU C 125 -10.77 14.60 10.18
C LEU C 125 -10.61 15.93 10.93
N LEU C 126 -9.37 16.42 11.06
CA LEU C 126 -9.11 17.68 11.81
C LEU C 126 -9.96 18.80 11.20
N GLN C 127 -9.95 18.94 9.87
CA GLN C 127 -10.71 20.01 9.18
C GLN C 127 -12.21 19.82 9.39
N THR C 128 -12.71 18.59 9.24
CA THR C 128 -14.15 18.33 9.49
C THR C 128 -14.53 18.79 10.90
N ARG C 129 -13.65 18.55 11.88
CA ARG C 129 -13.92 19.02 13.28
C ARG C 129 -13.92 20.55 13.31
N ALA C 130 -12.82 21.18 12.85
CA ALA C 130 -12.68 22.65 12.89
C ALA C 130 -13.81 23.33 12.10
N VAL C 131 -14.18 22.78 10.94
CA VAL C 131 -15.22 23.44 10.09
C VAL C 131 -16.55 23.41 10.86
N SER C 132 -16.91 22.25 11.42
CA SER C 132 -18.16 22.13 12.21
C SER C 132 -18.20 23.10 13.39
N LYS C 133 -17.06 23.49 13.94
CA LYS C 133 -16.99 24.29 15.20
C LYS C 133 -17.66 25.67 15.05
N GLN C 134 -18.09 26.08 13.87
CA GLN C 134 -18.63 27.47 13.75
C GLN C 134 -20.16 27.44 13.59
N TYR C 135 -20.66 27.23 12.38
CA TYR C 135 -22.12 27.19 12.06
C TYR C 135 -22.81 28.56 12.09
N PRO C 136 -22.38 29.57 11.31
CA PRO C 136 -23.13 30.84 11.21
C PRO C 136 -24.28 30.47 10.27
N LEU C 137 -23.96 30.21 9.00
CA LEU C 137 -25.00 29.73 8.03
C LEU C 137 -24.25 28.97 6.93
N ALA C 138 -23.61 27.85 7.29
CA ALA C 138 -22.79 27.07 6.32
C ALA C 138 -23.56 26.74 5.04
N PRO C 139 -23.01 27.03 3.83
CA PRO C 139 -23.65 26.65 2.57
C PRO C 139 -23.07 25.33 2.05
N TYR C 140 -23.57 24.86 0.90
CA TYR C 140 -23.06 23.61 0.28
C TYR C 140 -22.17 23.98 -0.90
N GLU C 141 -21.10 23.23 -1.13
CA GLU C 141 -20.15 23.60 -2.21
C GLU C 141 -19.76 22.36 -3.04
N ILE C 142 -19.69 22.50 -4.36
CA ILE C 142 -19.27 21.38 -5.28
C ILE C 142 -18.32 21.94 -6.34
N ILE C 143 -17.47 21.05 -6.89
CA ILE C 143 -16.57 21.46 -8.00
C ILE C 143 -17.05 20.76 -9.26
N VAL C 144 -17.43 21.52 -10.30
CA VAL C 144 -18.04 20.94 -11.49
C VAL C 144 -16.97 20.56 -12.51
N SER C 145 -16.22 19.53 -12.19
CA SER C 145 -15.05 19.13 -12.94
C SER C 145 -15.34 18.04 -13.97
N GLU C 146 -16.54 17.46 -13.96
CA GLU C 146 -16.89 16.44 -14.94
C GLU C 146 -17.60 17.06 -16.14
N ASP C 147 -17.55 16.37 -17.27
CA ASP C 147 -18.29 16.84 -18.44
C ASP C 147 -19.78 16.82 -18.16
N SER C 148 -20.49 17.83 -18.66
CA SER C 148 -21.92 17.95 -18.41
C SER C 148 -22.52 18.94 -19.40
N GLU C 149 -23.69 18.60 -19.91
CA GLU C 149 -24.40 19.53 -20.77
C GLU C 149 -24.81 20.81 -20.05
N HIS C 150 -24.70 20.86 -18.73
CA HIS C 150 -25.06 22.03 -17.96
C HIS C 150 -23.91 23.02 -17.81
N LEU C 151 -22.73 22.71 -18.32
CA LEU C 151 -21.60 23.64 -18.29
C LEU C 151 -21.62 24.56 -19.50
N GLY C 152 -21.02 25.73 -19.35
CA GLY C 152 -21.10 26.73 -20.39
C GLY C 152 -22.49 27.32 -20.53
N LYS C 153 -23.29 27.29 -19.48
CA LYS C 153 -24.61 27.86 -19.45
C LYS C 153 -24.73 28.80 -18.26
N SER C 154 -25.61 29.78 -18.39
CA SER C 154 -25.85 30.70 -17.28
C SER C 154 -26.81 30.08 -16.28
N ILE C 155 -26.78 30.62 -15.05
CA ILE C 155 -27.66 30.14 -13.99
C ILE C 155 -29.12 30.27 -14.40
N GLY C 156 -29.47 31.37 -15.07
CA GLY C 156 -30.84 31.56 -15.52
C GLY C 156 -31.22 30.64 -16.66
N GLU C 157 -30.30 30.41 -17.59
CA GLU C 157 -30.54 29.46 -18.67
C GLU C 157 -30.80 28.06 -18.12
N LEU C 158 -30.02 27.65 -17.11
CA LEU C 158 -30.25 26.37 -16.47
C LEU C 158 -31.51 26.37 -15.63
N ASN C 159 -31.92 27.53 -15.11
CA ASN C 159 -33.08 27.62 -14.21
C ASN C 159 -32.83 26.80 -12.94
N VAL C 160 -31.66 27.02 -12.34
CA VAL C 160 -31.09 26.09 -11.34
C VAL C 160 -32.08 25.75 -10.23
N TRP C 161 -32.67 26.76 -9.58
CA TRP C 161 -33.53 26.46 -8.43
C TRP C 161 -34.63 25.48 -8.80
N HIS C 162 -35.24 25.64 -9.98
CA HIS C 162 -36.31 24.75 -10.43
C HIS C 162 -35.82 23.36 -10.80
N GLN C 163 -34.53 23.22 -11.13
CA GLN C 163 -33.96 21.93 -11.51
C GLN C 163 -33.52 21.12 -10.31
N THR C 164 -32.97 21.77 -9.28
CA THR C 164 -32.30 21.07 -8.19
C THR C 164 -32.74 21.51 -6.81
N GLY C 165 -33.52 22.58 -6.68
CA GLY C 165 -33.87 23.10 -5.38
C GLY C 165 -32.80 23.92 -4.71
N ALA C 166 -31.67 24.14 -5.36
CA ALA C 166 -30.56 24.87 -4.77
C ALA C 166 -30.64 26.37 -5.04
N THR C 167 -30.20 27.16 -4.05
CA THR C 167 -29.97 28.59 -4.22
C THR C 167 -28.48 28.81 -4.19
N ILE C 168 -27.92 29.20 -5.33
CA ILE C 168 -26.48 29.45 -5.45
C ILE C 168 -26.15 30.78 -4.79
N VAL C 169 -25.22 30.73 -3.84
CA VAL C 169 -24.80 31.99 -3.15
C VAL C 169 -23.51 32.53 -3.78
N ALA C 170 -22.69 31.68 -4.41
CA ALA C 170 -21.41 32.18 -4.93
C ALA C 170 -20.84 31.23 -5.98
N ILE C 171 -20.17 31.78 -6.99
CA ILE C 171 -19.40 30.95 -7.96
C ILE C 171 -17.94 31.32 -7.80
N GLU C 172 -17.08 30.29 -7.72
CA GLU C 172 -15.63 30.55 -7.73
C GLU C 172 -15.12 30.13 -9.12
N HIS C 173 -14.47 31.06 -9.79
CA HIS C 173 -13.97 30.80 -11.17
C HIS C 173 -12.52 31.30 -11.22
N GLU C 174 -11.57 30.41 -11.52
CA GLU C 174 -10.16 30.77 -11.57
C GLU C 174 -9.69 31.41 -10.26
N GLY C 175 -10.20 30.88 -9.15
CA GLY C 175 -9.80 31.37 -7.84
C GLY C 175 -10.40 32.68 -7.42
N LYS C 176 -11.36 33.22 -8.17
CA LYS C 176 -12.02 34.48 -7.90
C LYS C 176 -13.50 34.21 -7.59
N PHE C 177 -14.10 35.03 -6.74
CA PHE C 177 -15.46 34.80 -6.28
C PHE C 177 -16.41 35.86 -6.77
N ILE C 178 -17.61 35.43 -7.13
CA ILE C 178 -18.75 36.30 -7.36
C ILE C 178 -19.83 35.87 -6.40
N VAL C 179 -20.21 36.79 -5.50
CA VAL C 179 -21.26 36.51 -4.49
C VAL C 179 -22.58 37.09 -4.99
N SER C 180 -23.69 36.37 -4.78
CA SER C 180 -25.02 36.77 -5.24
C SER C 180 -25.02 36.88 -6.77
N PRO C 181 -24.80 35.75 -7.47
CA PRO C 181 -24.34 35.83 -8.87
C PRO C 181 -25.39 36.25 -9.87
N GLY C 182 -26.67 36.02 -9.62
CA GLY C 182 -27.69 36.36 -10.57
C GLY C 182 -27.79 35.38 -11.74
N PRO C 183 -28.76 35.63 -12.62
CA PRO C 183 -29.08 34.66 -13.70
C PRO C 183 -28.11 34.68 -14.86
N PHE C 184 -27.26 35.70 -14.96
CA PHE C 184 -26.39 35.84 -16.11
C PHE C 184 -25.00 35.29 -15.87
N SER C 185 -24.68 34.90 -14.64
CA SER C 185 -23.39 34.30 -14.35
CA SER C 185 -23.40 34.28 -14.33
C SER C 185 -23.32 32.91 -14.98
N VAL C 186 -22.19 32.61 -15.59
CA VAL C 186 -21.99 31.36 -16.33
C VAL C 186 -21.25 30.36 -15.45
N ILE C 187 -21.68 29.11 -15.49
CA ILE C 187 -20.99 28.02 -14.81
C ILE C 187 -20.09 27.31 -15.81
N GLU C 188 -18.78 27.35 -15.58
CA GLU C 188 -17.81 26.75 -16.48
C GLU C 188 -17.14 25.56 -15.81
N GLN C 189 -16.59 24.66 -16.63
CA GLN C 189 -15.98 23.47 -16.06
C GLN C 189 -14.83 23.84 -15.13
N GLY C 190 -14.80 23.17 -13.98
CA GLY C 190 -13.80 23.44 -12.96
C GLY C 190 -14.23 24.48 -11.94
N ASP C 191 -15.33 25.19 -12.19
CA ASP C 191 -15.79 26.21 -11.23
C ASP C 191 -16.31 25.56 -9.95
N HIS C 192 -16.30 26.33 -8.88
CA HIS C 192 -16.91 25.85 -7.62
C HIS C 192 -18.26 26.54 -7.46
N ILE C 193 -19.27 25.76 -7.11
CA ILE C 193 -20.62 26.32 -6.87
C ILE C 193 -20.91 26.23 -5.38
N PHE C 194 -21.19 27.38 -4.78
CA PHE C 194 -21.58 27.41 -3.35
C PHE C 194 -23.09 27.63 -3.37
N PHE C 195 -23.82 26.87 -2.57
CA PHE C 195 -25.31 26.96 -2.64
C PHE C 195 -25.94 26.53 -1.33
N VAL C 196 -27.17 26.99 -1.13
CA VAL C 196 -27.87 26.53 0.09
C VAL C 196 -29.02 25.59 -0.28
N GLY C 197 -29.46 24.80 0.70
CA GLY C 197 -30.51 23.79 0.48
C GLY C 197 -30.36 22.75 1.56
N ASP C 198 -31.06 21.63 1.41
CA ASP C 198 -30.90 20.52 2.38
C ASP C 198 -30.08 19.39 1.75
N GLU C 199 -29.95 18.27 2.46
CA GLU C 199 -29.13 17.14 1.95
C GLU C 199 -29.68 16.67 0.60
N ASP C 200 -31.00 16.70 0.42
CA ASP C 200 -31.57 16.24 -0.87
C ASP C 200 -31.18 17.19 -2.00
N VAL C 201 -31.17 18.49 -1.72
CA VAL C 201 -30.74 19.46 -2.75
C VAL C 201 -29.26 19.22 -3.09
N TYR C 202 -28.44 18.94 -2.08
CA TYR C 202 -27.03 18.63 -2.36
C TYR C 202 -26.92 17.41 -3.29
N ALA C 203 -27.73 16.39 -3.02
CA ALA C 203 -27.70 15.16 -3.86
C ALA C 203 -28.14 15.49 -5.28
N ARG C 204 -29.20 16.29 -5.41
CA ARG C 204 -29.67 16.72 -6.72
C ARG C 204 -28.58 17.50 -7.48
N MET C 205 -27.88 18.41 -6.80
CA MET C 205 -26.83 19.17 -7.47
C MET C 205 -25.71 18.26 -7.95
N LYS C 206 -25.34 17.27 -7.14
CA LYS C 206 -24.27 16.37 -7.55
C LYS C 206 -24.67 15.59 -8.79
N THR C 207 -25.87 15.03 -8.80
CA THR C 207 -26.31 14.28 -9.98
C THR C 207 -26.45 15.18 -11.19
N TYR C 208 -27.01 16.38 -10.99
CA TYR C 208 -27.26 17.31 -12.08
C TYR C 208 -25.97 17.68 -12.81
N PHE C 209 -24.85 17.78 -12.10
CA PHE C 209 -23.58 18.12 -12.72
C PHE C 209 -22.69 16.90 -12.97
N ASN C 210 -23.29 15.71 -12.94
CA ASN C 210 -22.54 14.45 -13.21
C ASN C 210 -21.39 14.30 -12.20
N LEU C 211 -21.65 14.57 -10.92
CA LEU C 211 -20.60 14.44 -9.87
C LEU C 211 -20.99 13.30 -8.93
N ARG C 212 -20.08 12.35 -8.68
CA ARG C 212 -20.38 11.22 -7.77
C ARG C 212 -19.11 10.89 -6.96
N VAL D 11 12.76 -12.68 5.07
CA VAL D 11 13.03 -13.17 6.46
C VAL D 11 14.31 -14.00 6.43
N THR D 12 15.23 -13.71 5.51
CA THR D 12 16.47 -14.52 5.38
C THR D 12 17.64 -13.62 5.01
N SER D 13 18.88 -14.02 5.32
CA SER D 13 20.05 -13.22 4.86
C SER D 13 20.98 -14.06 3.98
N LYS D 14 21.84 -13.42 3.19
CA LYS D 14 22.68 -14.14 2.20
C LYS D 14 23.60 -15.20 2.85
N TYR D 15 23.80 -15.14 4.16
CA TYR D 15 24.61 -16.19 4.79
C TYR D 15 24.05 -17.57 4.45
N GLN D 16 22.71 -17.69 4.43
CA GLN D 16 22.09 -18.94 4.02
C GLN D 16 22.47 -19.31 2.60
N LYS D 17 22.49 -18.31 1.71
CA LYS D 17 22.89 -18.55 0.32
C LYS D 17 24.30 -19.11 0.21
N ILE D 18 25.21 -18.56 1.02
CA ILE D 18 26.61 -19.07 1.02
C ILE D 18 26.54 -20.54 1.38
N ALA D 19 25.89 -20.81 2.51
CA ALA D 19 25.80 -22.18 3.01
C ALA D 19 25.34 -23.12 1.91
N VAL D 20 24.25 -22.75 1.22
CA VAL D 20 23.73 -23.59 0.14
C VAL D 20 24.74 -23.71 -0.99
N ALA D 21 25.39 -22.60 -1.33
CA ALA D 21 26.35 -22.64 -2.47
C ALA D 21 27.46 -23.65 -2.16
N VAL D 22 28.09 -23.52 -1.00
CA VAL D 22 29.22 -24.41 -0.68
C VAL D 22 28.73 -25.84 -0.49
N ALA D 23 27.52 -26.03 0.07
CA ALA D 23 26.96 -27.37 0.17
C ALA D 23 26.74 -27.96 -1.22
N GLN D 24 26.32 -27.13 -2.17
CA GLN D 24 26.16 -27.56 -3.56
C GLN D 24 27.48 -27.99 -4.16
N ARG D 25 28.55 -27.22 -3.92
CA ARG D 25 29.85 -27.60 -4.45
C ARG D 25 30.28 -28.95 -3.87
N ILE D 26 30.15 -29.10 -2.55
CA ILE D 26 30.49 -30.36 -1.89
C ILE D 26 29.66 -31.51 -2.47
N ALA D 27 28.36 -31.28 -2.68
CA ALA D 27 27.48 -32.35 -3.12
C ALA D 27 27.73 -32.72 -4.58
N ASN D 28 28.11 -31.75 -5.42
CA ASN D 28 28.40 -32.09 -6.80
C ASN D 28 29.73 -32.80 -6.91
N GLY D 29 30.59 -32.59 -5.93
CA GLY D 29 31.88 -33.24 -5.94
C GLY D 29 32.96 -32.27 -6.29
N ASP D 30 32.58 -31.00 -6.44
CA ASP D 30 33.57 -29.94 -6.69
C ASP D 30 34.64 -29.87 -5.61
N TYR D 31 34.28 -30.05 -4.36
CA TYR D 31 35.28 -30.13 -3.31
C TYR D 31 35.37 -31.62 -2.97
N GLU D 32 36.48 -32.26 -3.35
CA GLU D 32 36.53 -33.71 -3.21
C GLU D 32 36.42 -34.07 -1.73
N VAL D 33 36.06 -35.33 -1.47
CA VAL D 33 35.79 -35.73 -0.09
C VAL D 33 37.08 -35.62 0.70
N GLY D 34 37.12 -34.67 1.63
CA GLY D 34 38.32 -34.48 2.42
C GLY D 34 39.22 -33.35 1.96
N GLU D 35 38.81 -32.57 0.97
CA GLU D 35 39.58 -31.42 0.51
C GLU D 35 39.40 -30.25 1.48
N LYS D 36 40.45 -29.44 1.59
CA LYS D 36 40.46 -28.31 2.56
C LYS D 36 40.26 -26.97 1.85
N LEU D 37 39.45 -26.08 2.43
CA LEU D 37 39.31 -24.71 1.86
C LEU D 37 40.24 -23.82 2.68
N LYS D 38 40.48 -22.59 2.20
CA LYS D 38 41.29 -21.59 2.94
C LYS D 38 40.36 -20.78 3.84
N SER D 39 39.37 -21.44 4.42
CA SER D 39 38.50 -20.80 5.45
C SER D 39 37.94 -19.43 5.05
N ARG D 40 38.05 -18.46 5.97
CA ARG D 40 37.44 -17.13 5.73
C ARG D 40 38.04 -16.50 4.48
N THR D 41 39.36 -16.58 4.30
CA THR D 41 39.93 -15.87 3.13
C THR D 41 39.33 -16.47 1.86
N THR D 42 39.31 -17.81 1.76
CA THR D 42 38.82 -18.39 0.49
C THR D 42 37.35 -18.00 0.31
N ILE D 43 36.56 -18.07 1.37
CA ILE D 43 35.10 -17.81 1.21
C ILE D 43 34.87 -16.36 0.76
N ALA D 44 35.60 -15.43 1.38
CA ALA D 44 35.41 -14.01 1.06
C ALA D 44 35.81 -13.82 -0.39
N SER D 45 36.93 -14.41 -0.79
CA SER D 45 37.41 -14.19 -2.18
C SER D 45 36.34 -14.72 -3.12
N THR D 46 35.75 -15.86 -2.79
CA THR D 46 34.75 -16.50 -3.70
C THR D 46 33.43 -15.72 -3.70
N PHE D 47 32.72 -15.69 -2.56
CA PHE D 47 31.33 -15.15 -2.56
C PHE D 47 31.24 -13.62 -2.51
N ASN D 48 32.37 -12.94 -2.29
CA ASN D 48 32.40 -11.45 -2.14
C ASN D 48 31.76 -11.10 -0.80
N VAL D 49 31.32 -12.11 -0.04
CA VAL D 49 30.72 -11.88 1.31
C VAL D 49 31.83 -11.53 2.32
N SER D 50 31.47 -10.85 3.41
CA SER D 50 32.46 -10.49 4.45
C SER D 50 32.88 -11.73 5.23
N PRO D 51 34.10 -11.78 5.78
CA PRO D 51 34.50 -12.90 6.61
C PRO D 51 33.63 -13.11 7.86
N GLU D 52 32.91 -12.09 8.34
CA GLU D 52 32.21 -12.33 9.59
C GLU D 52 30.92 -13.11 9.34
N THR D 53 30.23 -12.75 8.25
CA THR D 53 29.02 -13.50 7.84
C THR D 53 29.47 -14.91 7.44
N ALA D 54 30.47 -14.98 6.55
CA ALA D 54 30.95 -16.28 6.05
C ALA D 54 31.21 -17.24 7.20
N ARG D 55 31.80 -16.77 8.29
CA ARG D 55 32.16 -17.66 9.38
C ARG D 55 30.91 -18.32 9.95
N LYS D 56 29.82 -17.56 10.13
CA LYS D 56 28.55 -18.16 10.54
C LYS D 56 27.99 -19.07 9.45
N GLY D 57 28.15 -18.68 8.19
CA GLY D 57 27.71 -19.54 7.10
C GLY D 57 28.31 -20.93 7.17
N LEU D 58 29.62 -21.00 7.39
CA LEU D 58 30.24 -22.31 7.59
C LEU D 58 29.94 -22.90 8.96
N ASN D 59 29.64 -22.08 9.96
CA ASN D 59 29.23 -22.63 11.25
C ASN D 59 27.95 -23.43 11.11
N ILE D 60 27.11 -23.04 10.16
CA ILE D 60 25.90 -23.81 9.84
C ILE D 60 26.26 -25.23 9.44
N LEU D 61 27.17 -25.36 8.46
CA LEU D 61 27.54 -26.68 7.97
C LEU D 61 28.33 -27.45 9.01
N ALA D 62 29.05 -26.75 9.89
CA ALA D 62 29.69 -27.42 11.01
C ALA D 62 28.66 -28.02 11.95
N ASP D 63 27.63 -27.24 12.28
CA ASP D 63 26.56 -27.73 13.14
C ASP D 63 25.83 -28.92 12.53
N LEU D 64 25.71 -28.96 11.21
CA LEU D 64 25.14 -30.15 10.55
C LEU D 64 26.20 -31.19 10.17
N GLN D 65 27.45 -31.01 10.61
CA GLN D 65 28.51 -32.00 10.41
C GLN D 65 28.86 -32.22 8.94
N ILE D 66 28.73 -31.18 8.11
CA ILE D 66 29.20 -31.30 6.73
C ILE D 66 30.70 -30.98 6.68
N LEU D 67 31.17 -30.17 7.61
CA LEU D 67 32.57 -29.78 7.64
C LEU D 67 33.00 -29.55 9.08
N THR D 68 34.31 -29.55 9.29
CA THR D 68 34.86 -29.23 10.60
C THR D 68 35.85 -28.08 10.44
N LEU D 69 35.86 -27.20 11.45
CA LEU D 69 36.68 -26.00 11.45
C LEU D 69 37.71 -25.97 12.57
N LYS D 70 37.96 -27.11 13.22
CA LYS D 70 38.90 -27.12 14.33
C LYS D 70 40.34 -26.95 13.89
N HIS D 71 40.54 -26.84 12.58
CA HIS D 71 41.89 -26.61 12.00
C HIS D 71 41.88 -25.15 11.57
N GLY D 72 42.48 -24.26 12.36
CA GLY D 72 42.52 -22.83 12.09
C GLY D 72 42.98 -22.59 10.67
N SER D 73 43.83 -23.49 10.16
CA SER D 73 44.33 -23.39 8.76
C SER D 73 43.19 -23.09 7.78
N GLY D 74 42.09 -23.86 7.84
CA GLY D 74 40.99 -23.66 6.87
C GLY D 74 39.75 -24.47 7.20
N ALA D 75 39.06 -25.00 6.18
CA ALA D 75 37.80 -25.73 6.39
C ALA D 75 37.88 -27.12 5.77
N ILE D 76 37.78 -28.18 6.58
CA ILE D 76 37.90 -29.53 6.04
C ILE D 76 36.48 -30.05 5.81
N ILE D 77 36.22 -30.48 4.59
CA ILE D 77 34.90 -31.02 4.26
C ILE D 77 34.84 -32.46 4.73
N LEU D 78 33.66 -32.89 5.17
CA LEU D 78 33.52 -34.20 5.80
C LEU D 78 32.75 -35.22 4.96
N SER D 79 31.47 -34.98 4.70
CA SER D 79 30.65 -36.00 4.06
C SER D 79 29.75 -35.37 2.99
N LYS D 80 29.83 -35.92 1.78
CA LYS D 80 28.98 -35.51 0.68
C LYS D 80 27.51 -35.90 0.91
N GLU D 81 27.29 -37.04 1.53
CA GLU D 81 25.93 -37.52 1.77
C GLU D 81 25.15 -36.58 2.69
N LYS D 82 25.81 -36.04 3.71
CA LYS D 82 25.13 -35.13 4.63
C LYS D 82 24.87 -33.77 4.01
N ALA D 83 25.73 -33.33 3.08
CA ALA D 83 25.46 -32.11 2.34
C ALA D 83 24.21 -32.24 1.49
N ILE D 84 24.02 -33.39 0.84
CA ILE D 84 22.82 -33.61 0.04
C ILE D 84 21.58 -33.61 0.93
N GLU D 85 21.67 -34.26 2.09
CA GLU D 85 20.57 -34.20 3.06
C GLU D 85 20.22 -32.76 3.41
N PHE D 86 21.27 -31.98 3.71
CA PHE D 86 21.08 -30.55 4.07
C PHE D 86 20.25 -29.90 2.97
N LEU D 87 20.79 -29.82 1.75
CA LEU D 87 20.10 -29.15 0.62
C LEU D 87 18.60 -29.49 0.65
N ASN D 88 18.26 -30.78 0.53
CA ASN D 88 16.82 -31.19 0.47
C ASN D 88 16.01 -30.54 1.60
N GLN D 89 16.29 -30.89 2.86
CA GLN D 89 15.46 -30.37 3.98
C GLN D 89 15.44 -28.83 3.94
N TYR D 90 16.59 -28.20 3.72
CA TYR D 90 16.67 -26.71 3.68
C TYR D 90 15.63 -26.20 2.69
N GLU D 91 15.73 -26.60 1.42
CA GLU D 91 14.82 -26.13 0.34
C GLU D 91 13.36 -26.37 0.73
N THR D 92 13.03 -27.56 1.21
CA THR D 92 11.62 -27.93 1.50
C THR D 92 11.08 -27.03 2.62
N SER D 93 11.88 -26.78 3.66
CA SER D 93 11.40 -25.96 4.81
C SER D 93 11.47 -24.47 4.46
N HIS D 94 12.08 -24.15 3.33
CA HIS D 94 12.19 -22.73 2.88
C HIS D 94 11.17 -22.52 1.75
N SER D 95 11.36 -21.49 0.93
CA SER D 95 10.35 -21.20 -0.11
C SER D 95 11.01 -21.15 -1.50
N VAL D 96 10.53 -21.99 -2.44
CA VAL D 96 11.02 -21.94 -3.84
C VAL D 96 9.84 -21.86 -4.80
N ALA D 97 9.05 -22.93 -4.92
CA ALA D 97 7.82 -22.86 -5.73
C ALA D 97 6.80 -22.26 -4.75
N ILE D 98 7.01 -22.52 -3.45
CA ILE D 98 6.14 -21.93 -2.39
C ILE D 98 6.35 -20.41 -2.42
N LEU D 99 7.58 -19.96 -2.67
CA LEU D 99 7.88 -18.50 -2.69
C LEU D 99 7.04 -17.84 -3.77
N LYS D 100 6.92 -18.47 -4.94
CA LYS D 100 6.03 -17.93 -6.00
C LYS D 100 4.60 -17.86 -5.44
N GLY D 101 4.14 -18.94 -4.79
CA GLY D 101 2.80 -18.95 -4.23
C GLY D 101 2.61 -17.92 -3.12
N LYS D 102 3.61 -17.75 -2.27
CA LYS D 102 3.54 -16.76 -1.20
C LYS D 102 3.44 -15.35 -1.77
N ILE D 103 4.19 -15.05 -2.83
CA ILE D 103 4.13 -13.74 -3.44
C ILE D 103 2.74 -13.49 -4.03
N ARG D 104 2.17 -14.52 -4.67
CA ARG D 104 0.82 -14.37 -5.20
C ARG D 104 -0.19 -14.13 -4.09
N ASP D 105 -0.07 -14.87 -2.98
CA ASP D 105 -0.95 -14.67 -1.83
C ASP D 105 -0.82 -13.27 -1.27
N ASN D 106 0.41 -12.78 -1.16
CA ASN D 106 0.65 -11.42 -0.67
C ASN D 106 -0.03 -10.39 -1.56
N ILE D 107 0.15 -10.51 -2.88
CA ILE D 107 -0.44 -9.54 -3.79
C ILE D 107 -1.97 -9.57 -3.69
N LYS D 108 -2.56 -10.76 -3.59
CA LYS D 108 -4.01 -10.84 -3.51
C LYS D 108 -4.53 -10.32 -2.16
N ALA D 109 -3.85 -10.63 -1.06
CA ALA D 109 -4.22 -10.07 0.23
C ALA D 109 -4.20 -8.55 0.20
N GLN D 110 -3.18 -7.96 -0.42
CA GLN D 110 -3.13 -6.49 -0.50
C GLN D 110 -4.23 -5.94 -1.40
N GLN D 111 -4.59 -6.68 -2.45
CA GLN D 111 -5.70 -6.26 -3.30
C GLN D 111 -7.01 -6.19 -2.52
N GLN D 112 -7.29 -7.21 -1.70
CA GLN D 112 -8.48 -7.18 -0.85
C GLN D 112 -8.41 -6.05 0.18
N GLU D 113 -7.24 -5.85 0.79
CA GLU D 113 -7.10 -4.77 1.76
C GLU D 113 -7.37 -3.42 1.12
N MET D 114 -6.97 -3.24 -0.14
CA MET D 114 -7.23 -1.96 -0.85
C MET D 114 -8.73 -1.80 -1.15
N GLU D 115 -9.43 -2.89 -1.46
CA GLU D 115 -10.87 -2.82 -1.65
C GLU D 115 -11.58 -2.37 -0.38
N GLU D 116 -11.20 -2.98 0.75
CA GLU D 116 -11.73 -2.54 2.04
C GLU D 116 -11.46 -1.05 2.26
N LEU D 117 -10.23 -0.61 1.96
CA LEU D 117 -9.88 0.81 2.07
C LEU D 117 -10.76 1.68 1.19
N ALA D 118 -11.01 1.26 -0.05
CA ALA D 118 -11.83 2.06 -0.95
C ALA D 118 -13.24 2.24 -0.39
N THR D 119 -13.83 1.17 0.14
CA THR D 119 -15.18 1.31 0.68
C THR D 119 -15.19 2.14 1.96
N LEU D 120 -14.16 1.95 2.80
CA LEU D 120 -14.06 2.77 4.03
C LEU D 120 -14.11 4.23 3.63
N VAL D 121 -13.25 4.60 2.69
CA VAL D 121 -13.17 6.03 2.32
C VAL D 121 -14.52 6.44 1.72
N ASP D 122 -15.24 5.54 1.07
CA ASP D 122 -16.48 6.01 0.43
C ASP D 122 -17.41 6.57 1.50
N ASP D 123 -17.62 5.83 2.59
CA ASP D 123 -18.52 6.27 3.69
C ASP D 123 -17.91 7.49 4.36
N PHE D 124 -16.60 7.46 4.51
CA PHE D 124 -15.99 8.59 5.24
C PHE D 124 -16.37 9.85 4.48
N LEU D 125 -16.21 9.83 3.15
CA LEU D 125 -16.47 11.03 2.31
C LEU D 125 -17.96 11.35 2.19
N LEU D 126 -18.78 10.29 2.11
CA LEU D 126 -20.25 10.46 1.98
C LEU D 126 -20.83 10.86 3.34
N GLN D 127 -20.15 10.48 4.43
CA GLN D 127 -20.61 10.91 5.78
C GLN D 127 -20.47 12.43 5.84
N THR D 128 -19.74 13.02 4.89
CA THR D 128 -19.67 14.50 4.81
C THR D 128 -20.80 14.79 3.82
N ARG D 129 -22.04 14.90 4.31
CA ARG D 129 -23.21 15.10 3.42
C ARG D 129 -23.18 16.49 2.78
N ALA D 130 -22.11 17.26 3.03
CA ALA D 130 -21.96 18.61 2.42
C ALA D 130 -20.59 19.18 2.81
N VAL D 131 -20.11 20.17 2.04
CA VAL D 131 -18.84 20.86 2.41
C VAL D 131 -19.16 22.35 2.59
N SER D 132 -18.88 22.89 3.78
CA SER D 132 -19.17 24.33 4.06
C SER D 132 -17.88 25.14 3.91
N LYS D 133 -17.96 26.45 4.12
CA LYS D 133 -16.77 27.33 3.90
C LYS D 133 -16.59 28.32 5.05
N GLN D 134 -17.69 28.73 5.70
CA GLN D 134 -17.61 29.77 6.76
C GLN D 134 -16.87 30.97 6.21
N TYR D 135 -17.10 31.33 4.93
CA TYR D 135 -16.50 32.53 4.32
C TYR D 135 -17.11 33.79 4.95
N PRO D 136 -16.76 35.03 4.53
CA PRO D 136 -17.41 36.25 5.02
C PRO D 136 -18.71 36.38 4.23
N LEU D 137 -19.00 35.37 3.39
CA LEU D 137 -20.24 35.34 2.57
C LEU D 137 -21.43 35.13 3.51
N ALA D 138 -21.18 34.89 4.81
CA ALA D 138 -22.27 34.62 5.76
C ALA D 138 -23.31 35.72 5.57
N PRO D 139 -24.61 35.38 5.44
CA PRO D 139 -25.63 36.37 5.08
C PRO D 139 -26.12 37.49 6.00
N TYR D 140 -26.35 38.70 5.44
CA TYR D 140 -26.98 39.80 6.19
C TYR D 140 -28.38 39.37 6.64
N GLU D 141 -28.85 39.92 7.78
CA GLU D 141 -30.20 39.59 8.30
C GLU D 141 -31.00 40.87 8.50
N ILE D 142 -32.16 40.98 7.85
CA ILE D 142 -33.03 42.13 8.08
C ILE D 142 -34.38 41.65 8.60
N ILE D 143 -34.95 42.41 9.53
CA ILE D 143 -36.29 42.16 10.03
C ILE D 143 -37.22 43.15 9.34
N VAL D 144 -38.15 42.66 8.53
CA VAL D 144 -39.03 43.54 7.77
C VAL D 144 -40.22 43.96 8.62
N SER D 145 -39.95 44.82 9.59
CA SER D 145 -40.93 45.22 10.59
CA SER D 145 -40.93 45.22 10.59
C SER D 145 -41.73 46.46 10.20
N GLU D 146 -41.33 47.18 9.16
CA GLU D 146 -42.02 48.40 8.77
C GLU D 146 -43.04 48.07 7.67
N ASP D 147 -44.04 48.95 7.54
CA ASP D 147 -45.00 48.81 6.44
C ASP D 147 -44.29 48.98 5.11
N SER D 148 -44.72 48.22 4.11
CA SER D 148 -44.07 48.24 2.81
C SER D 148 -44.98 47.62 1.77
N GLU D 149 -45.04 48.26 0.60
CA GLU D 149 -45.77 47.70 -0.55
C GLU D 149 -45.27 46.32 -0.94
N HIS D 150 -44.07 45.93 -0.51
CA HIS D 150 -43.51 44.65 -0.90
C HIS D 150 -43.97 43.50 -0.01
N LEU D 151 -44.59 43.79 1.13
CA LEU D 151 -45.01 42.71 2.02
C LEU D 151 -46.26 42.03 1.49
N GLY D 152 -46.40 40.76 1.81
CA GLY D 152 -47.50 39.99 1.29
C GLY D 152 -47.32 39.54 -0.14
N LYS D 153 -46.13 39.71 -0.70
CA LYS D 153 -45.79 39.27 -2.04
C LYS D 153 -44.77 38.15 -1.98
N SER D 154 -44.73 37.36 -3.06
CA SER D 154 -43.75 36.31 -3.18
C SER D 154 -42.42 36.87 -3.69
N ILE D 155 -41.35 36.11 -3.43
CA ILE D 155 -40.02 36.51 -3.88
C ILE D 155 -39.99 36.67 -5.39
N GLY D 156 -40.68 35.78 -6.11
CA GLY D 156 -40.72 35.89 -7.55
C GLY D 156 -41.51 37.08 -8.06
N GLU D 157 -42.64 37.39 -7.42
CA GLU D 157 -43.39 38.59 -7.78
C GLU D 157 -42.55 39.83 -7.56
N LEU D 158 -41.80 39.87 -6.46
CA LEU D 158 -40.92 41.01 -6.18
C LEU D 158 -39.76 41.06 -7.13
N ASN D 159 -39.33 39.91 -7.65
CA ASN D 159 -38.16 39.84 -8.52
C ASN D 159 -36.91 40.33 -7.77
N VAL D 160 -36.72 39.82 -6.55
CA VAL D 160 -35.83 40.45 -5.57
C VAL D 160 -34.42 40.68 -6.12
N TRP D 161 -33.77 39.67 -6.72
CA TRP D 161 -32.39 39.86 -7.15
C TRP D 161 -32.25 41.05 -8.09
N HIS D 162 -33.22 41.21 -9.00
CA HIS D 162 -33.18 42.33 -9.95
C HIS D 162 -33.49 43.67 -9.30
N GLN D 163 -34.18 43.67 -8.17
CA GLN D 163 -34.50 44.93 -7.50
C GLN D 163 -33.37 45.41 -6.60
N THR D 164 -32.65 44.48 -5.95
CA THR D 164 -31.73 44.84 -4.88
C THR D 164 -30.35 44.21 -5.01
N GLY D 165 -30.16 43.25 -5.91
CA GLY D 165 -28.90 42.53 -5.99
C GLY D 165 -28.72 41.45 -4.95
N ALA D 166 -29.72 41.19 -4.12
CA ALA D 166 -29.60 40.22 -3.05
C ALA D 166 -30.06 38.83 -3.48
N THR D 167 -29.38 37.82 -2.95
CA THR D 167 -29.83 36.44 -3.09
C THR D 167 -30.29 35.97 -1.71
N ILE D 168 -31.60 35.74 -1.58
CA ILE D 168 -32.17 35.32 -0.30
C ILE D 168 -31.86 33.84 -0.07
N VAL D 169 -31.29 33.56 1.11
CA VAL D 169 -30.92 32.16 1.41
C VAL D 169 -31.98 31.53 2.32
N ALA D 170 -32.64 32.34 3.14
CA ALA D 170 -33.64 31.79 4.05
C ALA D 170 -34.60 32.89 4.48
N ILE D 171 -35.82 32.48 4.82
CA ILE D 171 -36.81 33.34 5.47
CA ILE D 171 -36.82 33.33 5.46
C ILE D 171 -37.14 32.72 6.81
N GLU D 172 -37.17 33.54 7.85
CA GLU D 172 -37.68 33.11 9.14
C GLU D 172 -39.05 33.73 9.31
N HIS D 173 -40.06 32.89 9.55
CA HIS D 173 -41.44 33.31 9.65
C HIS D 173 -42.05 32.58 10.84
N GLU D 174 -42.58 33.34 11.81
CA GLU D 174 -43.15 32.73 13.01
C GLU D 174 -42.15 31.79 13.68
N GLY D 175 -40.87 32.16 13.63
CA GLY D 175 -39.82 31.38 14.27
C GLY D 175 -39.36 30.16 13.50
N LYS D 176 -39.92 29.91 12.32
CA LYS D 176 -39.59 28.74 11.51
C LYS D 176 -38.78 29.19 10.30
N PHE D 177 -37.81 28.38 9.90
CA PHE D 177 -36.91 28.74 8.81
C PHE D 177 -37.24 27.93 7.56
N ILE D 178 -37.24 28.60 6.43
CA ILE D 178 -37.26 27.96 5.12
C ILE D 178 -35.97 28.33 4.42
N VAL D 179 -35.16 27.31 4.17
CA VAL D 179 -33.87 27.53 3.45
C VAL D 179 -34.15 27.35 1.96
N SER D 180 -33.38 28.04 1.12
CA SER D 180 -33.50 27.95 -0.34
C SER D 180 -34.97 28.18 -0.74
N PRO D 181 -35.50 29.39 -0.49
CA PRO D 181 -36.96 29.54 -0.46
C PRO D 181 -37.67 29.48 -1.80
N GLY D 182 -36.99 29.82 -2.90
CA GLY D 182 -37.64 29.83 -4.19
C GLY D 182 -38.59 31.01 -4.39
N PRO D 183 -39.16 31.09 -5.59
CA PRO D 183 -39.94 32.27 -5.99
C PRO D 183 -41.33 32.32 -5.38
N PHE D 184 -41.84 31.23 -4.85
CA PHE D 184 -43.19 31.19 -4.34
C PHE D 184 -43.29 31.47 -2.85
N SER D 185 -42.16 31.53 -2.15
CA SER D 185 -42.16 31.92 -0.74
C SER D 185 -42.57 33.38 -0.61
N VAL D 186 -43.40 33.66 0.39
CA VAL D 186 -43.96 34.99 0.61
C VAL D 186 -43.23 35.67 1.76
N ILE D 187 -43.03 36.97 1.64
CA ILE D 187 -42.41 37.81 2.67
CA ILE D 187 -42.41 37.75 2.70
C ILE D 187 -43.51 38.51 3.43
N GLU D 188 -43.63 38.26 4.74
CA GLU D 188 -44.67 38.87 5.57
C GLU D 188 -44.05 39.77 6.62
N GLN D 189 -44.87 40.68 7.15
CA GLN D 189 -44.33 41.65 8.09
C GLN D 189 -43.79 40.95 9.33
N GLY D 190 -42.61 41.38 9.78
CA GLY D 190 -41.98 40.78 10.93
C GLY D 190 -41.04 39.63 10.60
N ASP D 191 -41.07 39.13 9.36
CA ASP D 191 -40.17 38.05 9.01
C ASP D 191 -38.71 38.53 9.03
N HIS D 192 -37.80 37.58 9.20
CA HIS D 192 -36.38 37.85 9.05
C HIS D 192 -35.94 37.30 7.69
N ILE D 193 -35.30 38.16 6.89
CA ILE D 193 -34.78 37.77 5.59
C ILE D 193 -33.27 37.66 5.70
N PHE D 194 -32.72 36.50 5.35
CA PHE D 194 -31.29 36.25 5.32
C PHE D 194 -30.85 36.23 3.87
N PHE D 195 -29.83 37.01 3.52
CA PHE D 195 -29.44 37.14 2.12
C PHE D 195 -27.95 37.40 2.01
N VAL D 196 -27.42 36.97 0.86
CA VAL D 196 -25.98 37.25 0.58
C VAL D 196 -25.86 38.44 -0.37
N GLY D 197 -24.72 39.08 -0.34
CA GLY D 197 -24.44 40.29 -1.10
C GLY D 197 -23.23 40.99 -0.49
N ASP D 198 -23.11 42.28 -0.80
CA ASP D 198 -22.12 43.12 -0.15
C ASP D 198 -22.84 44.25 0.58
N GLU D 199 -22.08 45.21 1.08
CA GLU D 199 -22.66 46.32 1.84
CA GLU D 199 -22.66 46.31 1.85
C GLU D 199 -23.66 47.11 1.01
N ASP D 200 -23.38 47.26 -0.30
CA ASP D 200 -24.30 48.00 -1.15
C ASP D 200 -25.61 47.25 -1.32
N VAL D 201 -25.54 45.92 -1.47
CA VAL D 201 -26.76 45.11 -1.54
C VAL D 201 -27.57 45.26 -0.26
N TYR D 202 -26.88 45.25 0.89
CA TYR D 202 -27.58 45.49 2.14
C TYR D 202 -28.32 46.82 2.13
N ALA D 203 -27.65 47.89 1.66
CA ALA D 203 -28.29 49.20 1.62
C ALA D 203 -29.53 49.18 0.71
N ARG D 204 -29.45 48.49 -0.42
CA ARG D 204 -30.60 48.36 -1.30
C ARG D 204 -31.76 47.61 -0.63
N MET D 205 -31.46 46.49 0.05
CA MET D 205 -32.51 45.75 0.73
C MET D 205 -33.18 46.59 1.82
N LYS D 206 -32.37 47.31 2.58
CA LYS D 206 -32.94 48.12 3.65
C LYS D 206 -33.84 49.22 3.09
N THR D 207 -33.43 49.86 2.01
CA THR D 207 -34.26 50.89 1.40
C THR D 207 -35.52 50.29 0.80
N TYR D 208 -35.36 49.16 0.11
CA TYR D 208 -36.47 48.51 -0.57
C TYR D 208 -37.58 48.13 0.40
N PHE D 209 -37.23 47.70 1.61
CA PHE D 209 -38.22 47.30 2.60
C PHE D 209 -38.56 48.40 3.61
N ASN D 210 -38.25 49.66 3.29
CA ASN D 210 -38.72 50.80 4.09
C ASN D 210 -38.10 50.80 5.49
N LEU D 211 -36.82 50.45 5.58
CA LEU D 211 -36.12 50.35 6.85
C LEU D 211 -35.11 51.49 7.06
N ARG D 212 -35.27 52.60 6.35
CA ARG D 212 -34.27 53.70 6.44
C ARG D 212 -34.02 54.10 7.90
N MET D 213 -34.96 53.80 8.80
CA MET D 213 -34.84 54.17 10.24
C MET D 213 -33.64 53.46 10.87
N GLY D 214 -33.40 52.19 10.54
CA GLY D 214 -32.33 51.41 11.20
C GLY D 214 -30.93 51.95 10.95
N LEU D 215 -30.06 51.88 11.95
CA LEU D 215 -28.66 52.38 11.81
C LEU D 215 -28.04 51.78 10.54
#